data_8SHM
#
_entry.id   8SHM
#
_entity_poly.entity_id   1
_entity_poly.type   'polypeptide(L)'
_entity_poly.pdbx_seq_one_letter_code
;MGSSHHHHHHSSGLVPRGSHMTTRYRFTDEEEARRAAKEWARRGYQVHVTQNGTYWEVEVR
;
_entity_poly.pdbx_strand_id   A
#
# COMPACT_ATOMS: atom_id res chain seq x y z
N MET A 1 20.56 54.92 -10.52
CA MET A 1 21.75 54.05 -10.66
C MET A 1 22.09 53.39 -9.31
N GLY A 2 22.51 52.11 -9.38
CA GLY A 2 22.87 51.33 -8.21
C GLY A 2 23.16 49.89 -8.61
N SER A 3 24.37 49.38 -8.29
CA SER A 3 24.82 48.06 -8.72
C SER A 3 24.78 47.06 -7.55
N SER A 4 23.99 45.98 -7.68
CA SER A 4 24.06 44.82 -6.80
C SER A 4 25.26 43.97 -7.24
N HIS A 5 26.42 44.24 -6.62
CA HIS A 5 27.71 43.63 -6.99
C HIS A 5 28.16 42.55 -5.99
N HIS A 6 27.28 42.20 -5.02
CA HIS A 6 27.47 41.06 -4.09
C HIS A 6 26.12 40.37 -3.80
N HIS A 7 25.66 39.53 -4.75
CA HIS A 7 24.44 38.72 -4.57
C HIS A 7 24.80 37.47 -3.76
N HIS A 8 23.82 36.95 -3.01
CA HIS A 8 24.01 35.82 -2.08
C HIS A 8 23.23 34.59 -2.58
N HIS A 9 23.67 33.40 -2.15
CA HIS A 9 23.04 32.11 -2.49
C HIS A 9 22.99 31.21 -1.25
N HIS A 10 22.09 30.24 -1.29
CA HIS A 10 21.99 29.15 -0.30
C HIS A 10 21.95 27.81 -1.05
N SER A 11 21.82 26.70 -0.30
CA SER A 11 21.76 25.34 -0.86
C SER A 11 20.77 24.50 -0.03
N SER A 12 19.58 24.25 -0.59
CA SER A 12 18.51 23.47 0.06
C SER A 12 18.62 21.99 -0.36
N GLY A 13 18.48 21.08 0.61
CA GLY A 13 18.60 19.64 0.36
C GLY A 13 17.73 18.82 1.31
N LEU A 14 16.62 18.27 0.78
CA LEU A 14 15.68 17.43 1.56
C LEU A 14 15.12 16.31 0.67
N VAL A 15 14.55 15.28 1.32
CA VAL A 15 13.85 14.18 0.63
C VAL A 15 12.39 14.10 1.15
N PRO A 16 11.37 14.33 0.26
CA PRO A 16 9.95 14.06 0.58
C PRO A 16 9.62 12.56 0.40
N ARG A 17 8.45 12.13 0.87
CA ARG A 17 8.03 10.72 0.76
C ARG A 17 6.49 10.61 0.91
N GLY A 18 5.92 9.66 0.16
CA GLY A 18 4.48 9.36 0.21
C GLY A 18 4.26 7.87 0.39
N SER A 19 3.46 7.48 1.39
CA SER A 19 3.18 6.08 1.72
C SER A 19 1.82 5.97 2.42
N HIS A 20 1.14 4.83 2.24
CA HIS A 20 -0.14 4.52 2.90
C HIS A 20 -0.37 3.00 2.87
N MET A 21 -0.95 2.46 3.96
CA MET A 21 -1.32 1.04 4.09
C MET A 21 -2.76 0.84 3.57
N THR A 22 -3.39 -0.31 3.95
CA THR A 22 -4.77 -0.67 3.56
C THR A 22 -4.89 -0.80 2.03
N THR A 23 -4.49 -1.97 1.50
CA THR A 23 -4.51 -2.28 0.07
C THR A 23 -5.73 -3.15 -0.24
N ARG A 24 -6.84 -2.49 -0.63
CA ARG A 24 -8.15 -3.13 -0.82
C ARG A 24 -8.29 -3.65 -2.27
N TYR A 25 -8.03 -4.95 -2.45
CA TYR A 25 -8.22 -5.65 -3.74
C TYR A 25 -9.63 -6.25 -3.79
N ARG A 26 -10.39 -5.88 -4.83
CA ARG A 26 -11.75 -6.38 -5.06
C ARG A 26 -11.91 -6.75 -6.54
N PHE A 27 -12.54 -7.91 -6.80
CA PHE A 27 -12.69 -8.48 -8.14
C PHE A 27 -14.16 -8.84 -8.37
N THR A 28 -14.66 -8.63 -9.58
CA THR A 28 -16.03 -9.01 -9.96
C THR A 28 -16.06 -10.47 -10.43
N ASP A 29 -14.96 -10.92 -11.05
CA ASP A 29 -14.79 -12.28 -11.56
C ASP A 29 -14.23 -13.19 -10.45
N GLU A 30 -14.83 -14.39 -10.34
CA GLU A 30 -14.52 -15.40 -9.30
C GLU A 30 -13.09 -15.94 -9.44
N GLU A 31 -12.63 -16.14 -10.70
CA GLU A 31 -11.34 -16.75 -11.00
C GLU A 31 -10.20 -15.76 -10.68
N GLU A 32 -10.42 -14.46 -10.95
CA GLU A 32 -9.46 -13.38 -10.63
C GLU A 32 -9.32 -13.19 -9.11
N ALA A 33 -10.44 -13.39 -8.38
CA ALA A 33 -10.45 -13.35 -6.90
C ALA A 33 -9.65 -14.53 -6.32
N ARG A 34 -9.81 -15.72 -6.94
CA ARG A 34 -9.11 -16.96 -6.54
C ARG A 34 -7.61 -16.92 -6.93
N ARG A 35 -7.31 -16.26 -8.07
CA ARG A 35 -5.92 -16.09 -8.55
C ARG A 35 -5.16 -15.15 -7.62
N ALA A 36 -5.82 -14.05 -7.20
CA ALA A 36 -5.25 -13.04 -6.28
C ALA A 36 -4.97 -13.67 -4.92
N ALA A 37 -5.94 -14.44 -4.41
CA ALA A 37 -5.83 -15.17 -3.12
C ALA A 37 -4.65 -16.16 -3.14
N LYS A 38 -4.47 -16.84 -4.28
CA LYS A 38 -3.42 -17.84 -4.49
C LYS A 38 -2.04 -17.17 -4.71
N GLU A 39 -2.04 -15.99 -5.38
CA GLU A 39 -0.82 -15.21 -5.65
C GLU A 39 -0.25 -14.65 -4.34
N TRP A 40 -1.15 -14.10 -3.49
CA TRP A 40 -0.79 -13.57 -2.17
C TRP A 40 -0.44 -14.71 -1.20
N ALA A 41 -1.07 -15.88 -1.37
CA ALA A 41 -0.75 -17.09 -0.58
C ALA A 41 0.68 -17.57 -0.89
N ARG A 42 1.04 -17.54 -2.18
CA ARG A 42 2.40 -17.88 -2.69
C ARG A 42 3.42 -16.85 -2.17
N ARG A 43 2.98 -15.58 -2.07
CA ARG A 43 3.76 -14.47 -1.47
C ARG A 43 3.93 -14.65 0.06
N GLY A 44 3.03 -15.45 0.68
CA GLY A 44 3.11 -15.79 2.11
C GLY A 44 2.23 -14.91 2.99
N TYR A 45 1.29 -14.20 2.37
CA TYR A 45 0.30 -13.35 3.08
C TYR A 45 -0.97 -14.16 3.39
N GLN A 46 -1.54 -13.90 4.58
CA GLN A 46 -2.77 -14.55 5.06
C GLN A 46 -3.97 -13.85 4.43
N VAL A 47 -4.71 -14.55 3.57
CA VAL A 47 -5.84 -13.95 2.81
C VAL A 47 -7.18 -14.55 3.22
N HIS A 48 -8.24 -13.83 2.85
CA HIS A 48 -9.64 -14.27 3.00
C HIS A 48 -10.44 -13.71 1.82
N VAL A 49 -11.06 -14.59 1.03
CA VAL A 49 -11.91 -14.15 -0.08
C VAL A 49 -13.33 -13.84 0.47
N THR A 50 -13.68 -12.54 0.48
CA THR A 50 -14.96 -12.05 1.01
C THR A 50 -15.96 -11.81 -0.13
N GLN A 51 -16.87 -12.77 -0.33
CA GLN A 51 -18.02 -12.61 -1.22
C GLN A 51 -19.00 -11.67 -0.52
N ASN A 52 -18.83 -10.37 -0.74
CA ASN A 52 -19.67 -9.32 -0.14
C ASN A 52 -21.00 -9.20 -0.91
N GLY A 53 -20.91 -9.38 -2.23
CA GLY A 53 -22.04 -9.24 -3.14
C GLY A 53 -21.69 -9.75 -4.51
N THR A 54 -22.15 -9.03 -5.55
CA THR A 54 -21.85 -9.31 -6.97
C THR A 54 -20.31 -9.28 -7.26
N TYR A 55 -19.55 -8.61 -6.37
CA TYR A 55 -18.08 -8.54 -6.43
C TYR A 55 -17.47 -9.33 -5.24
N TRP A 56 -16.52 -10.20 -5.57
CA TRP A 56 -15.79 -11.07 -4.63
C TRP A 56 -14.40 -10.43 -4.31
N GLU A 57 -14.25 -9.94 -3.07
CA GLU A 57 -13.05 -9.21 -2.61
C GLU A 57 -12.00 -10.19 -2.04
N VAL A 58 -10.76 -9.70 -1.88
CA VAL A 58 -9.63 -10.44 -1.29
C VAL A 58 -8.98 -9.57 -0.17
N GLU A 59 -9.20 -9.98 1.08
CA GLU A 59 -8.54 -9.40 2.28
C GLU A 59 -7.05 -9.78 2.23
N VAL A 60 -6.14 -8.78 2.21
CA VAL A 60 -4.68 -9.01 2.28
C VAL A 60 -4.18 -8.62 3.68
N ARG A 61 -3.90 -9.64 4.50
CA ARG A 61 -3.42 -9.48 5.89
C ARG A 61 -1.94 -9.92 5.94
N MET A 1 42.84 47.87 7.14
CA MET A 1 43.63 47.32 8.25
C MET A 1 42.71 46.56 9.22
N GLY A 2 43.30 45.95 10.26
CA GLY A 2 42.58 45.13 11.22
C GLY A 2 42.28 43.74 10.66
N SER A 3 41.21 43.12 11.19
CA SER A 3 40.73 41.80 10.74
C SER A 3 39.29 41.58 11.22
N SER A 4 38.61 40.59 10.65
CA SER A 4 37.20 40.30 10.94
C SER A 4 37.00 38.78 11.06
N HIS A 5 36.69 38.30 12.29
CA HIS A 5 36.43 36.89 12.57
C HIS A 5 34.92 36.62 12.53
N HIS A 6 34.53 35.51 11.90
CA HIS A 6 33.13 35.08 11.74
C HIS A 6 33.01 33.59 12.15
N HIS A 7 31.79 33.03 12.03
CA HIS A 7 31.49 31.65 12.49
C HIS A 7 30.27 31.09 11.74
N HIS A 8 30.28 29.77 11.52
CA HIS A 8 29.17 29.02 10.88
C HIS A 8 28.27 28.43 11.97
N HIS A 9 27.04 28.06 11.59
CA HIS A 9 26.07 27.43 12.51
C HIS A 9 25.28 26.35 11.74
N HIS A 10 25.08 25.20 12.38
CA HIS A 10 24.26 24.08 11.87
C HIS A 10 23.35 23.56 12.99
N SER A 11 22.46 22.63 12.65
CA SER A 11 21.53 21.99 13.58
C SER A 11 21.26 20.54 13.14
N SER A 12 20.40 19.83 13.89
CA SER A 12 19.96 18.45 13.56
C SER A 12 18.96 18.46 12.38
N GLY A 13 18.62 17.26 11.89
CA GLY A 13 17.69 17.10 10.78
C GLY A 13 16.47 16.27 11.15
N LEU A 14 15.41 16.37 10.32
CA LEU A 14 14.13 15.66 10.54
C LEU A 14 13.85 14.74 9.35
N VAL A 15 13.51 13.46 9.61
CA VAL A 15 13.25 12.44 8.58
C VAL A 15 11.77 11.94 8.69
N PRO A 16 10.80 12.61 7.97
CA PRO A 16 9.38 12.20 7.98
C PRO A 16 9.16 10.96 7.05
N ARG A 17 8.71 9.85 7.65
CA ARG A 17 8.51 8.56 6.94
C ARG A 17 7.08 8.04 7.20
N GLY A 18 6.20 8.22 6.21
CA GLY A 18 4.82 7.74 6.26
C GLY A 18 4.65 6.48 5.44
N SER A 19 4.27 5.37 6.08
CA SER A 19 4.06 4.07 5.43
C SER A 19 2.55 3.79 5.32
N HIS A 20 2.11 3.46 4.09
CA HIS A 20 0.70 3.14 3.80
C HIS A 20 0.45 1.64 3.97
N MET A 21 -0.67 1.31 4.62
CA MET A 21 -1.07 -0.07 4.94
C MET A 21 -2.55 -0.27 4.54
N THR A 22 -3.10 -1.47 4.86
CA THR A 22 -4.51 -1.84 4.56
C THR A 22 -4.75 -1.92 3.03
N THR A 23 -4.42 -3.06 2.43
CA THR A 23 -4.51 -3.28 0.98
C THR A 23 -5.62 -4.30 0.65
N ARG A 24 -6.71 -3.80 0.05
CA ARG A 24 -7.80 -4.64 -0.49
C ARG A 24 -7.94 -4.35 -2.00
N TYR A 25 -8.26 -5.39 -2.77
CA TYR A 25 -8.48 -5.32 -4.22
C TYR A 25 -9.87 -5.89 -4.50
N ARG A 26 -10.81 -5.06 -4.96
CA ARG A 26 -12.18 -5.47 -5.23
C ARG A 26 -12.27 -6.01 -6.66
N PHE A 27 -12.49 -7.32 -6.77
CA PHE A 27 -12.78 -8.00 -8.02
C PHE A 27 -14.29 -8.28 -8.09
N THR A 28 -14.81 -8.55 -9.30
CA THR A 28 -16.22 -8.94 -9.51
C THR A 28 -16.32 -10.43 -9.87
N ASP A 29 -15.24 -10.96 -10.47
CA ASP A 29 -15.18 -12.34 -10.97
C ASP A 29 -14.49 -13.24 -9.93
N GLU A 30 -14.95 -14.50 -9.87
CA GLU A 30 -14.44 -15.52 -8.93
C GLU A 30 -12.98 -15.89 -9.24
N GLU A 31 -12.73 -16.23 -10.51
CA GLU A 31 -11.45 -16.82 -10.97
C GLU A 31 -10.31 -15.81 -10.80
N GLU A 32 -10.50 -14.57 -11.32
CA GLU A 32 -9.48 -13.49 -11.24
C GLU A 32 -9.11 -13.16 -9.78
N ALA A 33 -10.13 -13.17 -8.92
CA ALA A 33 -9.99 -12.89 -7.49
C ALA A 33 -9.20 -13.99 -6.78
N ARG A 34 -9.62 -15.24 -7.01
CA ARG A 34 -9.04 -16.46 -6.40
C ARG A 34 -7.61 -16.71 -6.92
N ARG A 35 -7.33 -16.20 -8.14
CA ARG A 35 -6.01 -16.28 -8.79
C ARG A 35 -5.01 -15.39 -8.04
N ALA A 36 -5.41 -14.11 -7.86
CA ALA A 36 -4.61 -13.09 -7.17
C ALA A 36 -4.50 -13.42 -5.66
N ALA A 37 -5.60 -13.95 -5.09
CA ALA A 37 -5.71 -14.30 -3.65
C ALA A 37 -4.73 -15.42 -3.30
N LYS A 38 -4.79 -16.49 -4.10
CA LYS A 38 -3.92 -17.67 -3.92
C LYS A 38 -2.47 -17.35 -4.34
N GLU A 39 -2.28 -16.30 -5.17
CA GLU A 39 -0.93 -15.82 -5.52
C GLU A 39 -0.25 -15.24 -4.28
N TRP A 40 -0.94 -14.32 -3.59
CA TRP A 40 -0.42 -13.69 -2.36
C TRP A 40 -0.28 -14.72 -1.24
N ALA A 41 -1.22 -15.68 -1.18
CA ALA A 41 -1.15 -16.82 -0.24
C ALA A 41 0.11 -17.67 -0.50
N ARG A 42 0.40 -17.87 -1.80
CA ARG A 42 1.58 -18.63 -2.28
C ARG A 42 2.88 -17.84 -2.02
N ARG A 43 2.77 -16.49 -2.02
CA ARG A 43 3.89 -15.58 -1.68
C ARG A 43 4.18 -15.60 -0.17
N GLY A 44 3.16 -15.94 0.62
CA GLY A 44 3.27 -16.00 2.09
C GLY A 44 2.56 -14.82 2.75
N TYR A 45 1.31 -14.56 2.30
CA TYR A 45 0.42 -13.53 2.88
C TYR A 45 -0.93 -14.16 3.22
N GLN A 46 -1.52 -13.74 4.33
CA GLN A 46 -2.85 -14.18 4.74
C GLN A 46 -3.89 -13.32 4.01
N VAL A 47 -4.72 -13.97 3.18
CA VAL A 47 -5.71 -13.28 2.34
C VAL A 47 -7.13 -13.61 2.82
N HIS A 48 -7.92 -12.54 2.97
CA HIS A 48 -9.32 -12.60 3.41
C HIS A 48 -10.20 -12.19 2.21
N VAL A 49 -10.82 -13.18 1.56
CA VAL A 49 -11.74 -12.93 0.43
C VAL A 49 -13.14 -12.59 0.99
N THR A 50 -13.73 -11.51 0.44
CA THR A 50 -15.02 -11.00 0.92
C THR A 50 -16.09 -11.23 -0.15
N GLN A 51 -16.84 -12.31 0.03
CA GLN A 51 -17.98 -12.69 -0.80
C GLN A 51 -19.26 -12.14 -0.14
N ASN A 52 -19.85 -11.12 -0.77
CA ASN A 52 -21.06 -10.43 -0.27
C ASN A 52 -22.04 -10.16 -1.43
N GLY A 53 -21.77 -10.79 -2.58
CA GLY A 53 -22.56 -10.61 -3.80
C GLY A 53 -21.80 -11.15 -4.98
N THR A 54 -22.00 -10.55 -6.16
CA THR A 54 -21.25 -10.90 -7.39
C THR A 54 -19.91 -10.13 -7.45
N TYR A 55 -19.18 -10.17 -6.33
CA TYR A 55 -17.88 -9.50 -6.18
C TYR A 55 -17.08 -10.13 -5.02
N TRP A 56 -15.79 -10.35 -5.28
CA TRP A 56 -14.83 -10.90 -4.32
C TRP A 56 -13.79 -9.81 -3.99
N GLU A 57 -13.94 -9.17 -2.83
CA GLU A 57 -12.95 -8.22 -2.34
C GLU A 57 -11.82 -9.01 -1.67
N VAL A 58 -10.68 -9.16 -2.36
CA VAL A 58 -9.52 -9.86 -1.81
C VAL A 58 -8.71 -8.88 -0.98
N GLU A 59 -8.91 -8.99 0.32
CA GLU A 59 -8.41 -8.08 1.33
C GLU A 59 -7.23 -8.75 2.05
N VAL A 60 -6.02 -8.32 1.72
CA VAL A 60 -4.79 -8.90 2.28
C VAL A 60 -4.60 -8.39 3.72
N ARG A 61 -4.62 -9.32 4.69
CA ARG A 61 -4.31 -9.05 6.10
C ARG A 61 -2.80 -8.81 6.27
N MET A 1 34.50 54.89 5.61
CA MET A 1 34.82 54.69 7.04
C MET A 1 33.94 53.57 7.62
N GLY A 2 34.57 52.62 8.32
CA GLY A 2 33.88 51.45 8.87
C GLY A 2 33.36 50.52 7.77
N SER A 3 34.29 49.93 7.02
CA SER A 3 33.98 49.11 5.83
C SER A 3 33.09 47.90 6.18
N SER A 4 31.80 47.98 5.80
CA SER A 4 30.82 46.91 6.07
C SER A 4 31.08 45.68 5.19
N HIS A 5 31.85 44.72 5.72
CA HIS A 5 32.09 43.43 5.07
C HIS A 5 31.67 42.29 6.01
N HIS A 6 30.38 41.93 5.92
CA HIS A 6 29.77 40.88 6.75
C HIS A 6 28.56 40.27 6.02
N HIS A 7 28.38 38.95 6.13
CA HIS A 7 27.33 38.20 5.41
C HIS A 7 26.84 37.02 6.25
N HIS A 8 25.57 36.59 6.03
CA HIS A 8 24.92 35.57 6.86
C HIS A 8 23.82 34.81 6.08
N HIS A 9 23.48 33.60 6.57
CA HIS A 9 22.39 32.76 6.01
C HIS A 9 21.91 31.73 7.06
N HIS A 10 20.62 31.39 7.01
CA HIS A 10 20.04 30.27 7.78
C HIS A 10 18.88 29.65 6.98
N SER A 11 18.93 28.33 6.78
CA SER A 11 17.90 27.57 6.08
C SER A 11 16.98 26.86 7.08
N SER A 12 15.74 26.59 6.65
CA SER A 12 14.71 25.93 7.47
C SER A 12 13.78 25.13 6.54
N GLY A 13 14.10 23.84 6.33
CA GLY A 13 13.34 22.98 5.42
C GLY A 13 12.93 21.67 6.08
N LEU A 14 11.81 21.71 6.80
CA LEU A 14 11.29 20.57 7.55
C LEU A 14 10.45 19.68 6.62
N VAL A 15 11.10 18.70 5.99
CA VAL A 15 10.45 17.73 5.08
C VAL A 15 9.83 16.58 5.91
N PRO A 16 8.46 16.49 6.01
CA PRO A 16 7.78 15.41 6.73
C PRO A 16 7.51 14.19 5.82
N ARG A 17 6.91 13.14 6.40
CA ARG A 17 6.54 11.89 5.67
C ARG A 17 5.02 11.65 5.79
N GLY A 18 4.56 10.45 5.37
CA GLY A 18 3.16 10.09 5.44
C GLY A 18 2.75 9.27 4.22
N SER A 19 3.18 7.99 4.21
CA SER A 19 2.92 7.05 3.10
C SER A 19 1.46 6.56 3.09
N HIS A 20 1.06 5.90 1.99
CA HIS A 20 -0.31 5.37 1.81
C HIS A 20 -0.47 3.99 2.50
N MET A 21 -1.74 3.61 2.73
CA MET A 21 -2.13 2.33 3.36
C MET A 21 -3.63 2.04 3.09
N THR A 22 -4.12 0.87 3.58
CA THR A 22 -5.52 0.44 3.41
C THR A 22 -5.86 0.21 1.92
N THR A 23 -5.70 -1.03 1.43
CA THR A 23 -5.89 -1.35 -0.01
C THR A 23 -6.58 -2.72 -0.19
N ARG A 24 -7.86 -2.66 -0.57
CA ARG A 24 -8.70 -3.85 -0.85
C ARG A 24 -8.71 -4.11 -2.38
N TYR A 25 -8.06 -5.20 -2.82
CA TYR A 25 -8.07 -5.59 -4.25
C TYR A 25 -9.33 -6.42 -4.52
N ARG A 26 -10.28 -5.81 -5.24
CA ARG A 26 -11.63 -6.39 -5.43
C ARG A 26 -11.83 -6.79 -6.89
N PHE A 27 -12.47 -7.94 -7.12
CA PHE A 27 -12.67 -8.48 -8.47
C PHE A 27 -14.11 -8.98 -8.61
N THR A 28 -14.81 -8.48 -9.64
CA THR A 28 -16.17 -8.91 -9.99
C THR A 28 -16.12 -10.34 -10.56
N ASP A 29 -15.04 -10.59 -11.33
CA ASP A 29 -14.68 -11.94 -11.80
C ASP A 29 -14.11 -12.74 -10.64
N GLU A 30 -14.87 -13.75 -10.19
CA GLU A 30 -14.43 -14.71 -9.18
C GLU A 30 -13.10 -15.38 -9.57
N GLU A 31 -12.90 -15.55 -10.91
CA GLU A 31 -11.67 -16.14 -11.50
C GLU A 31 -10.43 -15.30 -11.16
N GLU A 32 -10.54 -13.98 -11.38
CA GLU A 32 -9.47 -13.01 -11.08
C GLU A 32 -9.22 -12.90 -9.56
N ALA A 33 -10.30 -13.07 -8.79
CA ALA A 33 -10.25 -13.00 -7.32
C ALA A 33 -9.44 -14.17 -6.73
N ARG A 34 -9.82 -15.40 -7.08
CA ARG A 34 -9.25 -16.62 -6.46
C ARG A 34 -7.80 -16.89 -6.90
N ARG A 35 -7.44 -16.48 -8.14
CA ARG A 35 -6.07 -16.65 -8.67
C ARG A 35 -5.10 -15.63 -8.06
N ALA A 36 -5.55 -14.35 -7.95
CA ALA A 36 -4.75 -13.26 -7.34
C ALA A 36 -4.59 -13.50 -5.83
N ALA A 37 -5.70 -13.89 -5.18
CA ALA A 37 -5.73 -14.18 -3.73
C ALA A 37 -4.78 -15.34 -3.38
N LYS A 38 -4.95 -16.46 -4.08
CA LYS A 38 -4.14 -17.67 -3.89
C LYS A 38 -2.66 -17.40 -4.23
N GLU A 39 -2.41 -16.45 -5.14
CA GLU A 39 -1.04 -16.04 -5.48
C GLU A 39 -0.35 -15.41 -4.25
N TRP A 40 -1.04 -14.47 -3.58
CA TRP A 40 -0.54 -13.87 -2.33
C TRP A 40 -0.48 -14.91 -1.19
N ALA A 41 -1.44 -15.85 -1.18
CA ALA A 41 -1.55 -16.89 -0.14
C ALA A 41 -0.36 -17.87 -0.18
N ARG A 42 0.11 -18.18 -1.41
CA ARG A 42 1.25 -19.10 -1.63
C ARG A 42 2.60 -18.37 -1.44
N ARG A 43 2.56 -17.02 -1.42
CA ARG A 43 3.74 -16.19 -1.07
C ARG A 43 3.92 -16.13 0.46
N GLY A 44 2.80 -16.27 1.21
CA GLY A 44 2.83 -16.28 2.69
C GLY A 44 1.84 -15.30 3.33
N TYR A 45 1.09 -14.58 2.50
CA TYR A 45 0.11 -13.57 2.94
C TYR A 45 -1.23 -14.24 3.26
N GLN A 46 -1.85 -13.85 4.38
CA GLN A 46 -3.15 -14.38 4.79
C GLN A 46 -4.25 -13.49 4.18
N VAL A 47 -4.88 -14.03 3.13
CA VAL A 47 -5.86 -13.30 2.32
C VAL A 47 -7.26 -13.89 2.52
N HIS A 48 -8.28 -13.04 2.38
CA HIS A 48 -9.68 -13.44 2.52
C HIS A 48 -10.50 -12.76 1.43
N VAL A 49 -11.16 -13.57 0.57
CA VAL A 49 -12.12 -13.09 -0.44
C VAL A 49 -13.50 -12.91 0.22
N THR A 50 -14.20 -11.81 -0.12
CA THR A 50 -15.51 -11.52 0.48
C THR A 50 -16.59 -12.46 -0.07
N GLN A 51 -16.90 -13.50 0.73
CA GLN A 51 -17.94 -14.50 0.43
C GLN A 51 -19.32 -13.83 0.42
N ASN A 52 -20.14 -14.19 -0.58
CA ASN A 52 -21.48 -13.59 -0.85
C ASN A 52 -21.38 -12.15 -1.41
N GLY A 53 -20.15 -11.61 -1.50
CA GLY A 53 -19.91 -10.28 -2.05
C GLY A 53 -19.85 -10.33 -3.58
N THR A 54 -20.61 -9.44 -4.24
CA THR A 54 -20.69 -9.37 -5.71
C THR A 54 -19.33 -8.95 -6.32
N TYR A 55 -18.51 -8.27 -5.50
CA TYR A 55 -17.13 -7.94 -5.82
C TYR A 55 -16.24 -8.55 -4.72
N TRP A 56 -15.50 -9.61 -5.10
CA TRP A 56 -14.70 -10.42 -4.17
C TRP A 56 -13.45 -9.64 -3.74
N GLU A 57 -13.55 -9.02 -2.54
CA GLU A 57 -12.48 -8.19 -1.96
C GLU A 57 -11.43 -9.11 -1.32
N VAL A 58 -10.19 -9.02 -1.81
CA VAL A 58 -9.03 -9.77 -1.31
C VAL A 58 -8.28 -8.91 -0.28
N GLU A 59 -8.42 -9.27 1.00
CA GLU A 59 -7.75 -8.58 2.11
C GLU A 59 -6.30 -9.09 2.22
N VAL A 60 -5.36 -8.39 1.55
CA VAL A 60 -3.94 -8.80 1.50
C VAL A 60 -3.23 -8.37 2.80
N ARG A 61 -2.94 -9.36 3.66
CA ARG A 61 -2.33 -9.16 4.98
C ARG A 61 -0.96 -9.89 5.05
N MET A 1 32.32 54.97 6.73
CA MET A 1 31.14 54.68 5.89
C MET A 1 30.96 53.16 5.76
N GLY A 2 29.97 52.62 6.53
CA GLY A 2 29.66 51.18 6.52
C GLY A 2 30.79 50.35 7.13
N SER A 3 31.19 50.71 8.36
CA SER A 3 32.32 50.07 9.05
C SER A 3 31.89 48.77 9.78
N SER A 4 30.59 48.45 9.75
CA SER A 4 30.05 47.24 10.37
C SER A 4 28.84 46.74 9.56
N HIS A 5 28.93 45.48 9.06
CA HIS A 5 27.81 44.82 8.33
C HIS A 5 27.73 43.35 8.76
N HIS A 6 26.52 42.79 8.68
CA HIS A 6 26.24 41.39 9.04
C HIS A 6 24.99 40.91 8.27
N HIS A 7 24.91 39.60 8.00
CA HIS A 7 23.81 39.01 7.21
C HIS A 7 23.82 37.48 7.41
N HIS A 8 23.13 36.99 8.44
CA HIS A 8 22.90 35.55 8.65
C HIS A 8 21.53 35.16 8.10
N HIS A 9 21.48 34.03 7.39
CA HIS A 9 20.30 33.55 6.69
C HIS A 9 20.12 32.05 7.00
N HIS A 10 18.97 31.71 7.60
CA HIS A 10 18.57 30.32 7.84
C HIS A 10 17.03 30.25 7.93
N SER A 11 16.44 29.37 7.12
CA SER A 11 15.00 29.05 7.15
C SER A 11 14.77 27.92 8.18
N SER A 12 13.51 27.48 8.31
CA SER A 12 13.13 26.39 9.22
C SER A 12 11.82 25.74 8.75
N GLY A 13 11.70 24.43 8.99
CA GLY A 13 10.51 23.67 8.62
C GLY A 13 10.56 22.27 9.19
N LEU A 14 9.38 21.68 9.47
CA LEU A 14 9.25 20.28 9.90
C LEU A 14 9.51 19.33 8.72
N VAL A 15 9.83 18.07 9.04
CA VAL A 15 10.02 17.02 8.02
C VAL A 15 9.00 15.87 8.28
N PRO A 16 7.70 16.02 7.82
CA PRO A 16 6.68 14.96 7.97
C PRO A 16 6.82 13.86 6.88
N ARG A 17 6.83 12.58 7.32
CA ARG A 17 6.83 11.41 6.41
C ARG A 17 5.52 10.63 6.61
N GLY A 18 4.88 10.23 5.50
CA GLY A 18 3.63 9.45 5.52
C GLY A 18 3.76 8.14 4.78
N SER A 19 2.73 7.28 4.89
CA SER A 19 2.70 5.96 4.26
C SER A 19 1.25 5.45 4.18
N HIS A 20 1.04 4.37 3.40
CA HIS A 20 -0.27 3.72 3.25
C HIS A 20 -0.06 2.18 3.28
N MET A 21 -0.75 1.51 4.22
CA MET A 21 -0.60 0.06 4.50
C MET A 21 -1.98 -0.61 4.51
N THR A 22 -2.06 -1.86 3.95
CA THR A 22 -3.29 -2.68 3.90
C THR A 22 -4.31 -2.11 2.88
N THR A 23 -4.49 -2.81 1.74
CA THR A 23 -5.40 -2.39 0.65
C THR A 23 -6.12 -3.62 0.05
N ARG A 24 -7.46 -3.64 0.13
CA ARG A 24 -8.31 -4.72 -0.42
C ARG A 24 -8.59 -4.45 -1.91
N TYR A 25 -8.41 -5.48 -2.76
CA TYR A 25 -8.60 -5.36 -4.23
C TYR A 25 -9.94 -5.99 -4.64
N ARG A 26 -10.81 -5.22 -5.32
CA ARG A 26 -12.15 -5.69 -5.77
C ARG A 26 -12.05 -6.33 -7.16
N PHE A 27 -12.44 -7.60 -7.26
CA PHE A 27 -12.52 -8.32 -8.54
C PHE A 27 -13.99 -8.58 -8.90
N THR A 28 -14.26 -8.56 -10.20
CA THR A 28 -15.62 -8.75 -10.73
C THR A 28 -15.92 -10.24 -11.00
N ASP A 29 -14.87 -11.06 -10.91
CA ASP A 29 -14.93 -12.52 -11.10
C ASP A 29 -14.40 -13.22 -9.85
N GLU A 30 -15.13 -14.28 -9.42
CA GLU A 30 -14.66 -15.21 -8.38
C GLU A 30 -13.35 -15.86 -8.81
N GLU A 31 -13.25 -16.14 -10.12
CA GLU A 31 -12.10 -16.79 -10.74
C GLU A 31 -10.81 -15.95 -10.55
N GLU A 32 -10.86 -14.68 -11.01
CA GLU A 32 -9.70 -13.75 -10.94
C GLU A 32 -9.32 -13.42 -9.49
N ALA A 33 -10.34 -13.44 -8.61
CA ALA A 33 -10.15 -13.23 -7.17
C ALA A 33 -9.38 -14.40 -6.54
N ARG A 34 -9.73 -15.64 -6.94
CA ARG A 34 -9.06 -16.87 -6.44
C ARG A 34 -7.59 -16.94 -6.91
N ARG A 35 -7.38 -16.61 -8.19
CA ARG A 35 -6.03 -16.62 -8.81
C ARG A 35 -5.10 -15.61 -8.12
N ALA A 36 -5.62 -14.39 -7.92
CA ALA A 36 -4.88 -13.29 -7.29
C ALA A 36 -4.57 -13.59 -5.82
N ALA A 37 -5.62 -14.04 -5.08
CA ALA A 37 -5.51 -14.41 -3.66
C ALA A 37 -4.47 -15.52 -3.44
N LYS A 38 -4.39 -16.43 -4.43
CA LYS A 38 -3.46 -17.56 -4.40
C LYS A 38 -2.00 -17.09 -4.48
N GLU A 39 -1.75 -15.98 -5.22
CA GLU A 39 -0.39 -15.43 -5.43
C GLU A 39 0.18 -14.85 -4.11
N TRP A 40 -0.65 -14.03 -3.44
CA TRP A 40 -0.31 -13.45 -2.13
C TRP A 40 -0.18 -14.57 -1.06
N ALA A 41 -1.14 -15.51 -1.07
CA ALA A 41 -1.17 -16.64 -0.11
C ALA A 41 0.03 -17.59 -0.31
N ARG A 42 0.53 -17.66 -1.56
CA ARG A 42 1.72 -18.47 -1.92
C ARG A 42 2.94 -17.92 -1.15
N ARG A 43 3.08 -16.58 -1.18
CA ARG A 43 4.17 -15.87 -0.50
C ARG A 43 3.97 -15.84 1.02
N GLY A 44 2.69 -15.89 1.45
CA GLY A 44 2.32 -15.90 2.87
C GLY A 44 1.81 -14.55 3.37
N TYR A 45 0.89 -13.94 2.59
CA TYR A 45 0.12 -12.75 3.02
C TYR A 45 -1.24 -13.19 3.55
N GLN A 46 -1.81 -12.42 4.49
CA GLN A 46 -3.13 -12.71 5.06
C GLN A 46 -4.19 -12.23 4.04
N VAL A 47 -4.79 -13.18 3.31
CA VAL A 47 -5.74 -12.89 2.22
C VAL A 47 -6.96 -13.83 2.27
N HIS A 48 -8.11 -13.29 1.82
CA HIS A 48 -9.39 -14.02 1.81
C HIS A 48 -10.32 -13.40 0.75
N VAL A 49 -10.95 -14.25 -0.08
CA VAL A 49 -11.88 -13.80 -1.13
C VAL A 49 -13.28 -13.57 -0.52
N THR A 50 -13.80 -12.35 -0.70
CA THR A 50 -15.15 -11.98 -0.23
C THR A 50 -16.21 -12.47 -1.23
N GLN A 51 -16.93 -13.54 -0.87
CA GLN A 51 -18.01 -14.11 -1.70
C GLN A 51 -19.38 -13.53 -1.27
N ASN A 52 -19.44 -12.99 -0.02
CA ASN A 52 -20.68 -12.42 0.57
C ASN A 52 -21.08 -11.15 -0.22
N GLY A 53 -20.08 -10.29 -0.45
CA GLY A 53 -20.25 -9.09 -1.25
C GLY A 53 -20.43 -9.39 -2.73
N THR A 54 -21.11 -8.48 -3.45
CA THR A 54 -21.39 -8.62 -4.90
C THR A 54 -20.09 -8.71 -5.72
N TYR A 55 -19.08 -7.95 -5.28
CA TYR A 55 -17.73 -7.98 -5.85
C TYR A 55 -16.86 -8.92 -5.02
N TRP A 56 -16.08 -9.76 -5.70
CA TRP A 56 -15.19 -10.73 -5.05
C TRP A 56 -13.88 -10.04 -4.65
N GLU A 57 -13.96 -9.35 -3.52
CA GLU A 57 -12.90 -8.52 -2.98
C GLU A 57 -11.90 -9.37 -2.19
N VAL A 58 -10.65 -9.41 -2.64
CA VAL A 58 -9.59 -10.13 -1.93
C VAL A 58 -9.07 -9.22 -0.82
N GLU A 59 -9.53 -9.51 0.41
CA GLU A 59 -9.10 -8.83 1.63
C GLU A 59 -7.63 -9.10 1.88
N VAL A 60 -6.82 -8.04 1.93
CA VAL A 60 -5.37 -8.15 2.13
C VAL A 60 -5.02 -7.48 3.47
N ARG A 61 -4.18 -8.16 4.27
CA ARG A 61 -3.65 -7.67 5.55
C ARG A 61 -2.11 -7.82 5.54
N MET A 1 14.97 54.10 23.33
CA MET A 1 15.62 52.82 23.00
C MET A 1 15.89 52.71 21.48
N GLY A 2 14.79 52.76 20.69
CA GLY A 2 14.84 52.51 19.25
C GLY A 2 14.49 51.07 18.92
N SER A 3 13.97 50.83 17.70
CA SER A 3 13.51 49.50 17.28
C SER A 3 14.68 48.71 16.63
N SER A 4 15.06 47.56 17.22
CA SER A 4 16.06 46.64 16.65
C SER A 4 15.34 45.62 15.74
N HIS A 5 15.59 45.71 14.43
CA HIS A 5 14.92 44.85 13.43
C HIS A 5 15.82 44.64 12.20
N HIS A 6 15.61 43.52 11.51
CA HIS A 6 16.32 43.17 10.27
C HIS A 6 15.34 42.46 9.32
N HIS A 7 15.12 43.05 8.12
CA HIS A 7 14.15 42.54 7.13
C HIS A 7 14.62 41.18 6.57
N HIS A 8 14.10 40.10 7.16
CA HIS A 8 14.35 38.71 6.73
C HIS A 8 13.05 37.91 6.87
N HIS A 9 12.65 37.21 5.80
CA HIS A 9 11.40 36.43 5.76
C HIS A 9 11.57 35.21 4.84
N HIS A 10 11.41 34.00 5.42
CA HIS A 10 11.40 32.72 4.69
C HIS A 10 10.21 31.87 5.16
N SER A 11 9.61 31.16 4.21
CA SER A 11 8.54 30.18 4.46
C SER A 11 9.16 28.78 4.60
N SER A 12 8.87 28.08 5.70
CA SER A 12 9.39 26.73 5.98
C SER A 12 8.42 25.65 5.42
N GLY A 13 8.84 24.37 5.50
CA GLY A 13 8.09 23.25 4.92
C GLY A 13 7.84 22.15 5.94
N LEU A 14 8.74 21.13 5.98
CA LEU A 14 8.62 19.93 6.86
C LEU A 14 7.33 19.12 6.56
N VAL A 15 6.76 19.29 5.35
CA VAL A 15 5.48 18.68 4.97
C VAL A 15 5.61 17.11 4.86
N PRO A 16 4.78 16.33 5.63
CA PRO A 16 4.87 14.85 5.66
C PRO A 16 4.12 14.20 4.48
N ARG A 17 4.59 13.02 4.06
CA ARG A 17 3.90 12.18 3.07
C ARG A 17 3.04 11.12 3.80
N GLY A 18 2.37 10.23 3.04
CA GLY A 18 1.63 9.11 3.64
C GLY A 18 0.45 8.67 2.79
N SER A 19 -0.13 7.52 3.17
CA SER A 19 -1.25 6.88 2.49
C SER A 19 -2.08 6.06 3.50
N HIS A 20 -3.23 5.53 3.05
CA HIS A 20 -4.09 4.66 3.88
C HIS A 20 -3.53 3.22 3.89
N MET A 21 -3.61 2.57 5.06
CA MET A 21 -3.11 1.19 5.29
C MET A 21 -4.18 0.15 4.88
N THR A 22 -3.74 -1.12 4.70
CA THR A 22 -4.61 -2.26 4.29
C THR A 22 -5.19 -2.05 2.87
N THR A 23 -4.61 -2.77 1.88
CA THR A 23 -5.09 -2.74 0.50
C THR A 23 -5.93 -4.02 0.23
N ARG A 24 -7.25 -3.86 0.33
CA ARG A 24 -8.22 -4.92 0.00
C ARG A 24 -8.59 -4.78 -1.48
N TYR A 25 -8.37 -5.85 -2.25
CA TYR A 25 -8.62 -5.87 -3.69
C TYR A 25 -10.04 -6.42 -3.98
N ARG A 26 -10.93 -5.54 -4.48
CA ARG A 26 -12.33 -5.87 -4.80
C ARG A 26 -12.42 -6.32 -6.26
N PHE A 27 -12.57 -7.65 -6.45
CA PHE A 27 -12.75 -8.26 -7.78
C PHE A 27 -14.25 -8.39 -8.08
N THR A 28 -14.58 -8.42 -9.38
CA THR A 28 -15.95 -8.69 -9.87
C THR A 28 -15.97 -9.96 -10.74
N ASP A 29 -14.89 -10.77 -10.60
CA ASP A 29 -14.77 -12.08 -11.29
C ASP A 29 -14.29 -13.14 -10.29
N GLU A 30 -14.85 -14.36 -10.41
CA GLU A 30 -14.57 -15.50 -9.52
C GLU A 30 -13.12 -15.99 -9.70
N GLU A 31 -12.63 -15.99 -10.97
CA GLU A 31 -11.32 -16.57 -11.33
C GLU A 31 -10.19 -15.67 -10.84
N GLU A 32 -10.27 -14.36 -11.16
CA GLU A 32 -9.28 -13.35 -10.74
C GLU A 32 -9.23 -13.20 -9.20
N ALA A 33 -10.37 -13.46 -8.53
CA ALA A 33 -10.47 -13.39 -7.07
C ALA A 33 -9.67 -14.51 -6.41
N ARG A 34 -10.02 -15.76 -6.76
CA ARG A 34 -9.48 -16.97 -6.13
C ARG A 34 -8.00 -17.18 -6.52
N ARG A 35 -7.67 -16.88 -7.80
CA ARG A 35 -6.31 -17.06 -8.33
C ARG A 35 -5.36 -16.07 -7.66
N ALA A 36 -5.67 -14.76 -7.77
CA ALA A 36 -4.78 -13.68 -7.28
C ALA A 36 -4.54 -13.81 -5.77
N ALA A 37 -5.63 -14.11 -5.02
CA ALA A 37 -5.59 -14.35 -3.56
C ALA A 37 -4.62 -15.50 -3.22
N LYS A 38 -4.69 -16.56 -4.05
CA LYS A 38 -3.86 -17.77 -3.88
C LYS A 38 -2.40 -17.50 -4.31
N GLU A 39 -2.19 -16.56 -5.27
CA GLU A 39 -0.83 -16.14 -5.72
C GLU A 39 -0.12 -15.43 -4.55
N TRP A 40 -0.86 -14.51 -3.90
CA TRP A 40 -0.38 -13.77 -2.71
C TRP A 40 -0.15 -14.73 -1.54
N ALA A 41 -1.08 -15.69 -1.35
CA ALA A 41 -0.99 -16.71 -0.27
C ALA A 41 0.25 -17.61 -0.46
N ARG A 42 0.59 -17.86 -1.73
CA ARG A 42 1.80 -18.62 -2.13
C ARG A 42 3.08 -17.82 -1.77
N ARG A 43 2.98 -16.48 -1.92
CA ARG A 43 4.07 -15.54 -1.60
C ARG A 43 4.08 -15.15 -0.11
N GLY A 44 3.14 -15.70 0.67
CA GLY A 44 3.10 -15.47 2.11
C GLY A 44 2.49 -14.13 2.51
N TYR A 45 1.37 -13.78 1.85
CA TYR A 45 0.54 -12.62 2.20
C TYR A 45 -0.75 -13.14 2.86
N GLN A 46 -1.19 -12.48 3.94
CA GLN A 46 -2.44 -12.86 4.64
C GLN A 46 -3.62 -12.36 3.82
N VAL A 47 -4.31 -13.31 3.16
CA VAL A 47 -5.46 -13.01 2.29
C VAL A 47 -6.74 -13.59 2.92
N HIS A 48 -7.88 -12.99 2.58
CA HIS A 48 -9.21 -13.46 3.02
C HIS A 48 -10.24 -13.11 1.94
N VAL A 49 -10.80 -14.15 1.28
CA VAL A 49 -11.82 -13.97 0.25
C VAL A 49 -13.19 -13.76 0.92
N THR A 50 -13.93 -12.74 0.44
CA THR A 50 -15.25 -12.36 0.95
C THR A 50 -16.15 -11.95 -0.23
N GLN A 51 -17.04 -12.87 -0.62
CA GLN A 51 -17.98 -12.68 -1.74
C GLN A 51 -19.16 -11.79 -1.30
N ASN A 52 -18.91 -10.47 -1.26
CA ASN A 52 -19.90 -9.46 -0.88
C ASN A 52 -20.78 -9.11 -2.11
N GLY A 53 -21.50 -10.13 -2.63
CA GLY A 53 -22.30 -9.97 -3.84
C GLY A 53 -21.51 -10.45 -5.04
N THR A 54 -21.60 -9.71 -6.17
CA THR A 54 -20.71 -9.85 -7.32
C THR A 54 -19.28 -9.36 -6.99
N TYR A 55 -19.12 -8.69 -5.82
CA TYR A 55 -17.82 -8.16 -5.36
C TYR A 55 -17.10 -9.22 -4.52
N TRP A 56 -16.21 -9.98 -5.17
CA TRP A 56 -15.28 -10.89 -4.48
C TRP A 56 -14.09 -10.07 -3.92
N GLU A 57 -14.31 -9.48 -2.75
CA GLU A 57 -13.32 -8.62 -2.08
C GLU A 57 -12.36 -9.47 -1.25
N VAL A 58 -11.05 -9.33 -1.50
CA VAL A 58 -9.99 -10.10 -0.81
C VAL A 58 -9.16 -9.16 0.08
N GLU A 59 -9.29 -9.32 1.41
CA GLU A 59 -8.49 -8.56 2.40
C GLU A 59 -7.06 -9.11 2.41
N VAL A 60 -6.15 -8.41 1.73
CA VAL A 60 -4.74 -8.79 1.62
C VAL A 60 -3.90 -7.92 2.57
N ARG A 61 -2.90 -8.55 3.20
CA ARG A 61 -1.92 -7.88 4.06
C ARG A 61 -0.51 -8.14 3.46
N MET A 1 31.41 56.32 18.39
CA MET A 1 31.70 55.36 19.48
C MET A 1 30.56 54.36 19.64
N GLY A 2 30.92 53.13 20.04
CA GLY A 2 29.95 52.05 20.24
C GLY A 2 30.29 50.82 19.41
N SER A 3 29.26 50.01 19.11
CA SER A 3 29.40 48.76 18.33
C SER A 3 28.03 48.37 17.75
N SER A 4 28.03 47.38 16.86
CA SER A 4 26.80 46.77 16.33
C SER A 4 26.61 45.40 16.98
N HIS A 5 25.49 45.24 17.71
CA HIS A 5 25.09 43.93 18.26
C HIS A 5 24.64 43.02 17.11
N HIS A 6 25.58 42.20 16.59
CA HIS A 6 25.28 41.24 15.50
C HIS A 6 24.55 40.02 16.08
N HIS A 7 23.44 39.63 15.45
CA HIS A 7 22.63 38.49 15.87
C HIS A 7 21.85 37.96 14.65
N HIS A 8 22.17 36.72 14.25
CA HIS A 8 21.48 36.03 13.16
C HIS A 8 20.94 34.69 13.68
N HIS A 9 19.63 34.49 13.51
CA HIS A 9 18.96 33.20 13.77
C HIS A 9 18.38 32.68 12.45
N HIS A 10 17.67 31.54 12.49
CA HIS A 10 17.06 30.95 11.28
C HIS A 10 15.88 30.04 11.65
N SER A 11 14.91 29.96 10.73
CA SER A 11 13.76 29.04 10.82
C SER A 11 14.10 27.69 10.16
N SER A 12 13.36 26.65 10.53
CA SER A 12 13.45 25.30 9.94
C SER A 12 12.04 24.83 9.52
N GLY A 13 11.94 23.65 8.89
CA GLY A 13 10.66 23.17 8.38
C GLY A 13 10.63 21.67 8.12
N LEU A 14 9.68 20.95 8.76
CA LEU A 14 9.44 19.53 8.52
C LEU A 14 8.04 19.35 7.91
N VAL A 15 7.95 18.61 6.79
CA VAL A 15 6.68 18.35 6.08
C VAL A 15 6.29 16.86 6.24
N PRO A 16 4.95 16.54 6.35
CA PRO A 16 4.48 15.14 6.38
C PRO A 16 4.45 14.53 4.96
N ARG A 17 4.91 13.28 4.83
CA ARG A 17 5.01 12.59 3.53
C ARG A 17 3.67 11.90 3.19
N GLY A 18 3.28 10.93 4.02
CA GLY A 18 1.99 10.24 3.86
C GLY A 18 2.07 8.75 4.16
N SER A 19 0.97 8.20 4.69
CA SER A 19 0.84 6.78 5.01
C SER A 19 0.88 5.92 3.73
N HIS A 20 -0.05 6.25 2.78
CA HIS A 20 -0.15 5.63 1.43
C HIS A 20 -0.26 4.08 1.52
N MET A 21 -0.93 3.63 2.59
CA MET A 21 -0.94 2.21 3.02
C MET A 21 -2.30 1.55 2.71
N THR A 22 -2.43 0.26 3.14
CA THR A 22 -3.62 -0.59 2.98
C THR A 22 -3.83 -1.00 1.52
N THR A 23 -3.46 -2.25 1.20
CA THR A 23 -3.71 -2.86 -0.11
C THR A 23 -4.91 -3.81 0.01
N ARG A 24 -6.11 -3.27 -0.26
CA ARG A 24 -7.38 -3.99 -0.16
C ARG A 24 -8.07 -3.96 -1.53
N TYR A 25 -8.22 -5.15 -2.13
CA TYR A 25 -8.85 -5.33 -3.43
C TYR A 25 -10.35 -5.62 -3.29
N ARG A 26 -11.07 -5.37 -4.38
CA ARG A 26 -12.44 -5.86 -4.58
C ARG A 26 -12.64 -6.11 -6.08
N PHE A 27 -12.51 -7.37 -6.47
CA PHE A 27 -12.74 -7.84 -7.83
C PHE A 27 -14.24 -8.11 -8.02
N THR A 28 -14.70 -8.15 -9.28
CA THR A 28 -16.07 -8.51 -9.62
C THR A 28 -16.09 -9.85 -10.39
N ASP A 29 -14.88 -10.34 -10.75
CA ASP A 29 -14.71 -11.67 -11.37
C ASP A 29 -14.37 -12.71 -10.29
N GLU A 30 -15.07 -13.84 -10.34
CA GLU A 30 -14.93 -14.94 -9.39
C GLU A 30 -13.54 -15.61 -9.54
N GLU A 31 -13.10 -15.71 -10.81
CA GLU A 31 -11.79 -16.29 -11.17
C GLU A 31 -10.63 -15.42 -10.66
N GLU A 32 -10.69 -14.13 -11.01
CA GLU A 32 -9.57 -13.17 -10.82
C GLU A 32 -9.34 -12.82 -9.35
N ALA A 33 -10.41 -12.88 -8.55
CA ALA A 33 -10.35 -12.66 -7.10
C ALA A 33 -9.56 -13.78 -6.41
N ARG A 34 -10.01 -15.02 -6.65
CA ARG A 34 -9.38 -16.23 -6.07
C ARG A 34 -7.99 -16.45 -6.65
N ARG A 35 -7.77 -15.98 -7.88
CA ARG A 35 -6.46 -16.02 -8.56
C ARG A 35 -5.43 -15.21 -7.77
N ALA A 36 -5.75 -13.93 -7.53
CA ALA A 36 -4.88 -12.98 -6.81
C ALA A 36 -4.63 -13.44 -5.37
N ALA A 37 -5.72 -13.80 -4.68
CA ALA A 37 -5.69 -14.25 -3.27
C ALA A 37 -4.85 -15.54 -3.09
N LYS A 38 -4.94 -16.44 -4.09
CA LYS A 38 -4.16 -17.70 -4.14
C LYS A 38 -2.66 -17.38 -4.26
N GLU A 39 -2.34 -16.39 -5.12
CA GLU A 39 -0.96 -15.97 -5.37
C GLU A 39 -0.34 -15.38 -4.10
N TRP A 40 -1.06 -14.45 -3.44
CA TRP A 40 -0.60 -13.80 -2.20
C TRP A 40 -0.40 -14.85 -1.08
N ALA A 41 -1.31 -15.83 -1.01
CA ALA A 41 -1.22 -16.97 -0.06
C ALA A 41 0.09 -17.76 -0.26
N ARG A 42 0.44 -17.97 -1.55
CA ARG A 42 1.69 -18.65 -1.96
C ARG A 42 2.93 -17.76 -1.73
N ARG A 43 2.75 -16.43 -1.77
CA ARG A 43 3.85 -15.46 -1.51
C ARG A 43 4.12 -15.32 0.01
N GLY A 44 3.29 -15.98 0.84
CA GLY A 44 3.47 -15.99 2.29
C GLY A 44 2.67 -14.90 3.00
N TYR A 45 1.58 -14.46 2.36
CA TYR A 45 0.63 -13.48 2.92
C TYR A 45 -0.71 -14.15 3.20
N GLN A 46 -1.29 -13.85 4.37
CA GLN A 46 -2.64 -14.31 4.73
C GLN A 46 -3.66 -13.56 3.84
N VAL A 47 -4.74 -14.24 3.45
CA VAL A 47 -5.79 -13.66 2.59
C VAL A 47 -7.17 -14.04 3.11
N HIS A 48 -8.17 -13.20 2.78
CA HIS A 48 -9.58 -13.44 3.09
C HIS A 48 -10.44 -12.90 1.93
N VAL A 49 -11.06 -13.80 1.16
CA VAL A 49 -12.06 -13.42 0.15
C VAL A 49 -13.45 -13.29 0.80
N THR A 50 -13.93 -12.04 0.89
CA THR A 50 -15.31 -11.73 1.28
C THR A 50 -16.22 -11.91 0.05
N GLN A 51 -16.90 -13.06 0.01
CA GLN A 51 -17.80 -13.42 -1.09
C GLN A 51 -19.16 -12.72 -0.90
N ASN A 52 -19.24 -11.46 -1.34
CA ASN A 52 -20.46 -10.64 -1.23
C ASN A 52 -21.28 -10.78 -2.54
N GLY A 53 -21.29 -12.00 -3.10
CA GLY A 53 -21.91 -12.27 -4.39
C GLY A 53 -20.87 -12.26 -5.49
N THR A 54 -21.21 -11.69 -6.65
CA THR A 54 -20.24 -11.44 -7.73
C THR A 54 -19.18 -10.38 -7.29
N TYR A 55 -19.47 -9.65 -6.20
CA TYR A 55 -18.50 -8.72 -5.57
C TYR A 55 -17.58 -9.51 -4.61
N TRP A 56 -16.41 -9.88 -5.14
CA TRP A 56 -15.39 -10.65 -4.40
C TRP A 56 -14.28 -9.72 -3.89
N GLU A 57 -14.37 -9.38 -2.60
CA GLU A 57 -13.39 -8.53 -1.92
C GLU A 57 -12.19 -9.38 -1.47
N VAL A 58 -10.97 -9.03 -1.94
CA VAL A 58 -9.73 -9.72 -1.54
C VAL A 58 -8.95 -8.84 -0.55
N GLU A 59 -9.02 -9.21 0.73
CA GLU A 59 -8.28 -8.55 1.80
C GLU A 59 -6.90 -9.23 1.94
N VAL A 60 -5.87 -8.58 1.38
CA VAL A 60 -4.47 -9.05 1.49
C VAL A 60 -3.90 -8.63 2.84
N ARG A 61 -3.33 -9.60 3.58
CA ARG A 61 -2.81 -9.39 4.93
C ARG A 61 -1.28 -9.69 4.93
N MET A 1 5.34 64.59 4.50
CA MET A 1 6.63 63.91 4.82
C MET A 1 6.40 62.70 5.76
N GLY A 2 5.17 62.60 6.33
CA GLY A 2 4.83 61.55 7.30
C GLY A 2 4.55 60.19 6.66
N SER A 3 5.62 59.41 6.45
CA SER A 3 5.55 58.07 5.83
C SER A 3 5.21 57.00 6.89
N SER A 4 4.00 56.43 6.79
CA SER A 4 3.56 55.32 7.67
C SER A 4 4.34 54.03 7.32
N HIS A 5 4.92 53.39 8.35
CA HIS A 5 5.75 52.17 8.19
C HIS A 5 4.86 50.93 8.31
N HIS A 6 5.18 49.90 7.52
CA HIS A 6 4.40 48.65 7.42
C HIS A 6 5.24 47.45 7.87
N HIS A 7 4.56 46.41 8.36
CA HIS A 7 5.16 45.15 8.80
C HIS A 7 4.36 43.98 8.22
N HIS A 8 4.99 42.78 8.16
CA HIS A 8 4.36 41.56 7.61
C HIS A 8 4.62 40.36 8.54
N HIS A 9 3.66 39.41 8.58
CA HIS A 9 3.75 38.18 9.39
C HIS A 9 3.37 36.95 8.55
N HIS A 10 3.99 35.81 8.89
CA HIS A 10 3.77 34.53 8.22
C HIS A 10 3.65 33.43 9.30
N SER A 11 2.42 32.93 9.51
CA SER A 11 2.11 31.91 10.53
C SER A 11 1.90 30.53 9.87
N SER A 12 2.66 29.53 10.34
CA SER A 12 2.64 28.15 9.79
C SER A 12 2.43 27.12 10.92
N GLY A 13 1.94 25.93 10.55
CA GLY A 13 1.65 24.87 11.51
C GLY A 13 0.91 23.70 10.88
N LEU A 14 1.47 23.15 9.79
CA LEU A 14 0.90 21.96 9.12
C LEU A 14 1.21 20.70 9.96
N VAL A 15 0.15 19.93 10.27
CA VAL A 15 0.25 18.72 11.12
C VAL A 15 0.67 17.48 10.28
N PRO A 16 1.36 16.48 10.90
CA PRO A 16 1.68 15.18 10.24
C PRO A 16 0.46 14.22 10.27
N ARG A 17 0.63 13.00 9.72
CA ARG A 17 -0.45 12.00 9.65
C ARG A 17 0.08 10.60 9.98
N GLY A 18 -0.33 10.07 11.13
CA GLY A 18 -0.01 8.69 11.53
C GLY A 18 -1.23 7.81 11.34
N SER A 19 -1.36 7.19 10.16
CA SER A 19 -2.51 6.36 9.80
C SER A 19 -2.04 5.03 9.17
N HIS A 20 -3.00 4.11 8.97
CA HIS A 20 -2.76 2.76 8.44
C HIS A 20 -3.39 2.64 7.04
N MET A 21 -2.57 2.35 6.03
CA MET A 21 -3.00 2.16 4.63
C MET A 21 -4.05 1.04 4.51
N THR A 22 -3.68 -0.17 4.98
CA THR A 22 -4.51 -1.39 4.94
C THR A 22 -4.82 -1.80 3.47
N THR A 23 -4.19 -2.89 3.00
CA THR A 23 -4.23 -3.30 1.59
C THR A 23 -5.39 -4.29 1.33
N ARG A 24 -6.26 -3.93 0.38
CA ARG A 24 -7.35 -4.78 -0.10
C ARG A 24 -7.65 -4.43 -1.57
N TYR A 25 -8.17 -5.42 -2.30
CA TYR A 25 -8.51 -5.30 -3.73
C TYR A 25 -9.97 -5.69 -3.95
N ARG A 26 -10.57 -5.16 -5.01
CA ARG A 26 -11.97 -5.44 -5.38
C ARG A 26 -12.00 -6.19 -6.72
N PHE A 27 -12.82 -7.26 -6.80
CA PHE A 27 -12.93 -8.10 -8.00
C PHE A 27 -14.41 -8.43 -8.28
N THR A 28 -14.72 -8.64 -9.57
CA THR A 28 -16.05 -9.02 -10.04
C THR A 28 -16.00 -10.34 -10.84
N ASP A 29 -14.79 -10.91 -10.99
CA ASP A 29 -14.55 -12.16 -11.71
C ASP A 29 -14.00 -13.18 -10.72
N GLU A 30 -14.75 -14.26 -10.44
CA GLU A 30 -14.40 -15.26 -9.38
C GLU A 30 -13.08 -15.98 -9.68
N GLU A 31 -12.92 -16.39 -10.96
CA GLU A 31 -11.73 -17.13 -11.42
C GLU A 31 -10.45 -16.29 -11.19
N GLU A 32 -10.52 -15.01 -11.57
CA GLU A 32 -9.39 -14.06 -11.45
C GLU A 32 -9.19 -13.60 -9.98
N ALA A 33 -10.29 -13.57 -9.21
CA ALA A 33 -10.26 -13.23 -7.76
C ALA A 33 -9.62 -14.35 -6.95
N ARG A 34 -9.90 -15.59 -7.39
CA ARG A 34 -9.41 -16.82 -6.75
C ARG A 34 -7.91 -16.96 -7.00
N ARG A 35 -7.49 -16.72 -8.25
CA ARG A 35 -6.07 -16.78 -8.64
C ARG A 35 -5.27 -15.64 -7.98
N ALA A 36 -5.85 -14.43 -7.95
CA ALA A 36 -5.23 -13.27 -7.28
C ALA A 36 -4.92 -13.62 -5.81
N ALA A 37 -5.97 -14.09 -5.11
CA ALA A 37 -5.89 -14.52 -3.71
C ALA A 37 -4.91 -15.70 -3.53
N LYS A 38 -4.90 -16.62 -4.51
CA LYS A 38 -4.08 -17.85 -4.49
C LYS A 38 -2.57 -17.51 -4.58
N GLU A 39 -2.27 -16.52 -5.45
CA GLU A 39 -0.90 -16.04 -5.69
C GLU A 39 -0.34 -15.34 -4.44
N TRP A 40 -1.10 -14.39 -3.88
CA TRP A 40 -0.72 -13.64 -2.66
C TRP A 40 -0.58 -14.58 -1.46
N ALA A 41 -1.48 -15.59 -1.39
CA ALA A 41 -1.45 -16.64 -0.35
C ALA A 41 -0.13 -17.43 -0.41
N ARG A 42 0.27 -17.80 -1.63
CA ARG A 42 1.52 -18.54 -1.91
C ARG A 42 2.76 -17.69 -1.53
N ARG A 43 2.66 -16.37 -1.78
CA ARG A 43 3.74 -15.41 -1.47
C ARG A 43 3.89 -15.17 0.05
N GLY A 44 2.90 -15.67 0.83
CA GLY A 44 2.96 -15.62 2.30
C GLY A 44 1.98 -14.66 2.93
N TYR A 45 1.29 -13.87 2.09
CA TYR A 45 0.30 -12.88 2.54
C TYR A 45 -1.05 -13.57 2.73
N GLN A 46 -1.49 -13.63 3.99
CA GLN A 46 -2.77 -14.26 4.36
C GLN A 46 -3.89 -13.33 3.85
N VAL A 47 -4.71 -13.84 2.94
CA VAL A 47 -5.75 -13.04 2.27
C VAL A 47 -7.13 -13.52 2.73
N HIS A 48 -7.97 -12.56 3.15
CA HIS A 48 -9.34 -12.83 3.56
C HIS A 48 -10.28 -12.31 2.47
N VAL A 49 -10.83 -13.24 1.67
CA VAL A 49 -11.73 -12.90 0.58
C VAL A 49 -13.16 -12.82 1.13
N THR A 50 -13.66 -11.57 1.23
CA THR A 50 -15.01 -11.29 1.68
C THR A 50 -15.90 -11.07 0.44
N GLN A 51 -16.63 -12.13 0.07
CA GLN A 51 -17.57 -12.07 -1.06
C GLN A 51 -18.93 -11.54 -0.59
N ASN A 52 -19.43 -10.54 -1.31
CA ASN A 52 -20.68 -9.84 -1.01
C ASN A 52 -21.82 -10.33 -1.93
N GLY A 53 -21.50 -11.33 -2.78
CA GLY A 53 -22.40 -11.80 -3.81
C GLY A 53 -22.01 -11.22 -5.16
N THR A 54 -21.19 -11.97 -5.93
CA THR A 54 -20.67 -11.55 -7.24
C THR A 54 -19.71 -10.33 -7.10
N TYR A 55 -19.07 -10.23 -5.91
CA TYR A 55 -18.15 -9.12 -5.60
C TYR A 55 -17.15 -9.55 -4.49
N TRP A 56 -15.91 -9.86 -4.89
CA TRP A 56 -14.86 -10.42 -4.01
C TRP A 56 -13.87 -9.34 -3.56
N GLU A 57 -14.03 -8.89 -2.30
CA GLU A 57 -13.07 -7.97 -1.66
C GLU A 57 -11.96 -8.82 -0.99
N VAL A 58 -10.79 -8.89 -1.65
CA VAL A 58 -9.64 -9.68 -1.15
C VAL A 58 -8.75 -8.79 -0.26
N GLU A 59 -8.88 -8.98 1.06
CA GLU A 59 -8.09 -8.25 2.08
C GLU A 59 -6.68 -8.88 2.20
N VAL A 60 -5.69 -8.26 1.53
CA VAL A 60 -4.31 -8.79 1.48
C VAL A 60 -3.52 -8.27 2.68
N ARG A 61 -3.24 -9.18 3.63
CA ARG A 61 -2.52 -8.86 4.86
C ARG A 61 -1.40 -9.90 5.08
N MET A 1 30.26 23.41 51.06
CA MET A 1 29.38 22.28 51.45
C MET A 1 30.22 21.02 51.73
N GLY A 2 31.07 20.66 50.75
CA GLY A 2 31.92 19.47 50.83
C GLY A 2 32.16 18.90 49.44
N SER A 3 31.79 17.63 49.23
CA SER A 3 31.94 16.93 47.95
C SER A 3 30.86 17.41 46.97
N SER A 4 31.22 18.41 46.14
CA SER A 4 30.36 18.92 45.07
C SER A 4 30.22 17.86 43.97
N HIS A 5 29.17 17.03 44.08
CA HIS A 5 28.88 15.96 43.12
C HIS A 5 27.41 16.02 42.68
N HIS A 6 27.09 15.35 41.57
CA HIS A 6 25.73 15.33 41.01
C HIS A 6 25.43 13.96 40.41
N HIS A 7 24.25 13.41 40.76
CA HIS A 7 23.72 12.18 40.16
C HIS A 7 22.25 12.44 39.80
N HIS A 8 22.06 13.10 38.65
CA HIS A 8 20.73 13.37 38.09
C HIS A 8 20.43 12.34 37.01
N HIS A 9 19.17 11.91 36.94
CA HIS A 9 18.70 10.93 35.97
C HIS A 9 17.32 11.39 35.44
N HIS A 10 17.03 11.05 34.18
CA HIS A 10 15.81 11.49 33.48
C HIS A 10 15.14 10.32 32.75
N SER A 11 13.86 10.51 32.40
CA SER A 11 13.05 9.52 31.69
C SER A 11 11.94 10.21 30.90
N SER A 12 11.95 10.05 29.57
CA SER A 12 10.88 10.51 28.67
C SER A 12 10.81 9.54 27.49
N GLY A 13 9.60 9.23 27.05
CA GLY A 13 9.36 8.30 25.95
C GLY A 13 8.19 8.74 25.10
N LEU A 14 8.07 8.14 23.91
CA LEU A 14 6.99 8.42 22.96
C LEU A 14 6.58 7.11 22.28
N VAL A 15 5.25 6.89 22.20
CA VAL A 15 4.68 5.68 21.62
C VAL A 15 4.54 5.83 20.08
N PRO A 16 4.86 4.77 19.27
CA PRO A 16 4.71 4.81 17.80
C PRO A 16 3.21 4.79 17.37
N ARG A 17 2.86 5.65 16.40
CA ARG A 17 1.50 5.77 15.85
C ARG A 17 1.42 4.96 14.54
N GLY A 18 0.61 3.89 14.57
CA GLY A 18 0.44 3.01 13.41
C GLY A 18 -0.47 3.61 12.34
N SER A 19 -0.10 3.40 11.06
CA SER A 19 -0.92 3.79 9.91
C SER A 19 -1.72 2.55 9.41
N HIS A 20 -2.56 2.75 8.39
CA HIS A 20 -3.43 1.70 7.82
C HIS A 20 -3.38 1.80 6.29
N MET A 21 -2.51 0.99 5.67
CA MET A 21 -2.27 1.02 4.21
C MET A 21 -3.48 0.52 3.41
N THR A 22 -4.22 -0.46 3.99
CA THR A 22 -5.40 -1.08 3.38
C THR A 22 -5.05 -1.79 2.05
N THR A 23 -4.58 -3.04 2.17
CA THR A 23 -4.29 -3.90 1.01
C THR A 23 -5.49 -4.83 0.75
N ARG A 24 -6.39 -4.36 -0.13
CA ARG A 24 -7.61 -5.06 -0.56
C ARG A 24 -7.81 -4.82 -2.05
N TYR A 25 -7.97 -5.91 -2.83
CA TYR A 25 -8.15 -5.85 -4.29
C TYR A 25 -9.42 -6.63 -4.65
N ARG A 26 -10.47 -5.93 -5.11
CA ARG A 26 -11.77 -6.54 -5.43
C ARG A 26 -11.86 -6.85 -6.92
N PHE A 27 -12.40 -8.04 -7.19
CA PHE A 27 -12.67 -8.55 -8.54
C PHE A 27 -14.09 -9.13 -8.53
N THR A 28 -14.93 -8.70 -9.48
CA THR A 28 -16.31 -9.18 -9.62
C THR A 28 -16.35 -10.67 -10.06
N ASP A 29 -15.24 -11.12 -10.66
CA ASP A 29 -15.05 -12.49 -11.14
C ASP A 29 -14.26 -13.29 -10.10
N GLU A 30 -14.84 -14.44 -9.71
CA GLU A 30 -14.23 -15.39 -8.76
C GLU A 30 -12.88 -15.90 -9.26
N GLU A 31 -12.72 -16.02 -10.60
CA GLU A 31 -11.48 -16.49 -11.23
C GLU A 31 -10.30 -15.54 -10.95
N GLU A 32 -10.51 -14.24 -11.21
CA GLU A 32 -9.48 -13.19 -10.99
C GLU A 32 -9.19 -13.01 -9.49
N ALA A 33 -10.24 -13.22 -8.67
CA ALA A 33 -10.15 -13.15 -7.20
C ALA A 33 -9.21 -14.23 -6.65
N ARG A 34 -9.44 -15.49 -7.07
CA ARG A 34 -8.70 -16.67 -6.56
C ARG A 34 -7.28 -16.74 -7.15
N ARG A 35 -7.10 -16.18 -8.37
CA ARG A 35 -5.80 -16.15 -9.07
C ARG A 35 -4.82 -15.17 -8.39
N ALA A 36 -5.33 -13.98 -8.03
CA ALA A 36 -4.56 -12.98 -7.29
C ALA A 36 -4.29 -13.48 -5.85
N ALA A 37 -5.35 -14.04 -5.23
CA ALA A 37 -5.31 -14.53 -3.84
C ALA A 37 -4.28 -15.66 -3.65
N LYS A 38 -4.22 -16.57 -4.64
CA LYS A 38 -3.32 -17.75 -4.63
C LYS A 38 -1.84 -17.30 -4.67
N GLU A 39 -1.59 -16.19 -5.40
CA GLU A 39 -0.24 -15.61 -5.54
C GLU A 39 0.23 -15.01 -4.21
N TRP A 40 -0.67 -14.23 -3.56
CA TRP A 40 -0.38 -13.62 -2.23
C TRP A 40 -0.21 -14.70 -1.14
N ALA A 41 -0.95 -15.82 -1.28
CA ALA A 41 -0.86 -16.97 -0.36
C ALA A 41 0.54 -17.63 -0.43
N ARG A 42 1.10 -17.67 -1.66
CA ARG A 42 2.49 -18.12 -1.91
C ARG A 42 3.50 -17.11 -1.33
N ARG A 43 3.14 -15.82 -1.40
CA ARG A 43 3.95 -14.71 -0.84
C ARG A 43 3.87 -14.66 0.71
N GLY A 44 3.02 -15.52 1.29
CA GLY A 44 2.93 -15.71 2.74
C GLY A 44 1.87 -14.85 3.40
N TYR A 45 1.14 -14.09 2.60
CA TYR A 45 0.05 -13.22 3.07
C TYR A 45 -1.27 -14.00 3.07
N GLN A 46 -1.91 -14.05 4.26
CA GLN A 46 -3.25 -14.60 4.45
C GLN A 46 -4.25 -13.77 3.63
N VAL A 47 -4.98 -14.45 2.74
CA VAL A 47 -5.98 -13.83 1.87
C VAL A 47 -7.38 -14.31 2.28
N HIS A 48 -8.31 -13.37 2.31
CA HIS A 48 -9.70 -13.60 2.72
C HIS A 48 -10.64 -12.83 1.78
N VAL A 49 -11.42 -13.56 0.97
CA VAL A 49 -12.35 -12.97 0.01
C VAL A 49 -13.67 -12.58 0.71
N THR A 50 -14.02 -11.31 0.58
CA THR A 50 -15.31 -10.77 1.03
C THR A 50 -16.35 -11.07 -0.05
N GLN A 51 -17.22 -12.03 0.23
CA GLN A 51 -18.22 -12.53 -0.72
C GLN A 51 -19.55 -11.75 -0.64
N ASN A 52 -19.53 -10.55 0.03
CA ASN A 52 -20.68 -9.65 0.14
C ASN A 52 -21.16 -9.22 -1.26
N GLY A 53 -22.43 -9.52 -1.56
CA GLY A 53 -22.99 -9.32 -2.88
C GLY A 53 -22.41 -10.29 -3.91
N THR A 54 -22.22 -9.80 -5.15
CA THR A 54 -21.76 -10.61 -6.29
C THR A 54 -20.24 -10.44 -6.54
N TYR A 55 -19.65 -9.39 -5.94
CA TYR A 55 -18.22 -9.07 -6.09
C TYR A 55 -17.39 -9.68 -4.94
N TRP A 56 -16.06 -9.81 -5.17
CA TRP A 56 -15.12 -10.53 -4.28
C TRP A 56 -13.97 -9.59 -3.86
N GLU A 57 -14.07 -8.99 -2.67
CA GLU A 57 -13.02 -8.09 -2.15
C GLU A 57 -11.93 -8.92 -1.46
N VAL A 58 -10.79 -9.10 -2.14
CA VAL A 58 -9.71 -9.97 -1.65
C VAL A 58 -8.84 -9.17 -0.67
N GLU A 59 -9.07 -9.43 0.62
CA GLU A 59 -8.37 -8.78 1.72
C GLU A 59 -7.03 -9.48 1.98
N VAL A 60 -5.94 -8.82 1.61
CA VAL A 60 -4.58 -9.31 1.82
C VAL A 60 -4.08 -8.79 3.18
N ARG A 61 -3.70 -9.71 4.08
CA ARG A 61 -3.14 -9.37 5.39
C ARG A 61 -2.20 -10.52 5.83
N MET A 1 28.66 46.27 18.37
CA MET A 1 28.14 44.98 17.88
C MET A 1 28.67 43.82 18.76
N GLY A 2 27.81 42.81 18.96
CA GLY A 2 28.16 41.63 19.75
C GLY A 2 27.03 40.61 19.72
N SER A 3 26.73 40.14 18.51
CA SER A 3 25.67 39.14 18.26
C SER A 3 26.13 37.73 18.72
N SER A 4 25.17 36.79 18.81
CA SER A 4 25.45 35.38 19.13
C SER A 4 26.41 34.78 18.07
N HIS A 5 27.67 34.58 18.49
CA HIS A 5 28.78 34.25 17.58
C HIS A 5 28.65 32.80 17.06
N HIS A 6 28.76 31.83 17.97
CA HIS A 6 28.80 30.40 17.63
C HIS A 6 27.96 29.60 18.65
N HIS A 7 26.69 29.34 18.31
CA HIS A 7 25.80 28.52 19.14
C HIS A 7 26.19 27.04 19.04
N HIS A 8 25.90 26.26 20.08
CA HIS A 8 26.12 24.80 20.08
C HIS A 8 24.91 24.10 19.43
N HIS A 9 25.16 22.98 18.75
CA HIS A 9 24.12 22.16 18.09
C HIS A 9 23.64 21.07 19.06
N HIS A 10 22.34 21.06 19.35
CA HIS A 10 21.71 20.03 20.21
C HIS A 10 21.54 18.71 19.43
N SER A 11 21.81 17.59 20.11
CA SER A 11 21.71 16.23 19.52
C SER A 11 20.27 15.89 19.11
N SER A 12 20.13 15.01 18.10
CA SER A 12 18.85 14.59 17.53
C SER A 12 18.70 13.07 17.57
N GLY A 13 17.44 12.62 17.65
CA GLY A 13 17.12 11.18 17.66
C GLY A 13 16.78 10.65 16.27
N LEU A 14 16.83 9.32 16.11
CA LEU A 14 16.49 8.66 14.83
C LEU A 14 14.96 8.68 14.63
N VAL A 15 14.54 8.86 13.38
CA VAL A 15 13.13 8.94 13.00
C VAL A 15 12.57 7.52 12.69
N PRO A 16 11.26 7.23 12.99
CA PRO A 16 10.63 5.90 12.70
C PRO A 16 10.29 5.75 11.20
N ARG A 17 9.80 4.55 10.83
CA ARG A 17 9.50 4.20 9.43
C ARG A 17 8.22 3.31 9.39
N GLY A 18 7.28 3.65 8.49
CA GLY A 18 6.00 2.92 8.36
C GLY A 18 5.97 2.06 7.11
N SER A 19 5.27 0.90 7.20
CA SER A 19 5.08 -0.04 6.07
C SER A 19 3.61 -0.06 5.64
N HIS A 20 3.37 -0.29 4.34
CA HIS A 20 2.02 -0.34 3.75
C HIS A 20 1.49 -1.78 3.75
N MET A 21 0.32 -1.98 4.38
CA MET A 21 -0.38 -3.28 4.50
C MET A 21 -1.89 -3.07 4.32
N THR A 22 -2.63 -4.20 4.14
CA THR A 22 -4.10 -4.21 3.95
C THR A 22 -4.53 -3.48 2.65
N THR A 23 -4.72 -4.25 1.56
CA THR A 23 -5.16 -3.71 0.25
C THR A 23 -6.40 -4.47 -0.25
N ARG A 24 -7.40 -3.71 -0.74
CA ARG A 24 -8.67 -4.24 -1.27
C ARG A 24 -8.56 -4.39 -2.80
N TYR A 25 -8.22 -5.60 -3.26
CA TYR A 25 -8.27 -5.94 -4.70
C TYR A 25 -9.67 -6.44 -5.02
N ARG A 26 -10.47 -5.66 -5.75
CA ARG A 26 -11.85 -6.05 -6.09
C ARG A 26 -11.93 -6.51 -7.54
N PHE A 27 -12.56 -7.67 -7.72
CA PHE A 27 -12.78 -8.29 -9.03
C PHE A 27 -14.24 -8.73 -9.11
N THR A 28 -14.84 -8.53 -10.28
CA THR A 28 -16.23 -8.95 -10.56
C THR A 28 -16.26 -10.46 -10.88
N ASP A 29 -15.11 -10.98 -11.31
CA ASP A 29 -14.96 -12.37 -11.74
C ASP A 29 -14.30 -13.20 -10.63
N GLU A 30 -14.80 -14.43 -10.48
CA GLU A 30 -14.40 -15.35 -9.41
C GLU A 30 -12.95 -15.86 -9.60
N GLU A 31 -12.56 -16.14 -10.87
CA GLU A 31 -11.26 -16.76 -11.23
C GLU A 31 -10.09 -15.79 -10.99
N GLU A 32 -10.36 -14.51 -11.26
CA GLU A 32 -9.38 -13.42 -11.13
C GLU A 32 -9.03 -13.19 -9.65
N ALA A 33 -10.09 -13.09 -8.84
CA ALA A 33 -9.97 -12.89 -7.38
C ALA A 33 -9.41 -14.14 -6.70
N ARG A 34 -9.73 -15.32 -7.26
CA ARG A 34 -9.25 -16.62 -6.74
C ARG A 34 -7.73 -16.71 -6.87
N ARG A 35 -7.24 -16.40 -8.08
CA ARG A 35 -5.80 -16.49 -8.39
C ARG A 35 -5.02 -15.38 -7.67
N ALA A 36 -5.62 -14.18 -7.59
CA ALA A 36 -5.02 -13.02 -6.90
C ALA A 36 -4.79 -13.32 -5.42
N ALA A 37 -5.86 -13.87 -4.78
CA ALA A 37 -5.82 -14.32 -3.38
C ALA A 37 -4.76 -15.42 -3.18
N LYS A 38 -4.71 -16.35 -4.14
CA LYS A 38 -3.82 -17.52 -4.11
C LYS A 38 -2.33 -17.10 -4.19
N GLU A 39 -2.03 -16.06 -4.99
CA GLU A 39 -0.65 -15.58 -5.22
C GLU A 39 -0.08 -14.90 -3.97
N TRP A 40 -0.88 -14.02 -3.33
CA TRP A 40 -0.46 -13.32 -2.10
C TRP A 40 -0.38 -14.31 -0.92
N ALA A 41 -1.32 -15.26 -0.87
CA ALA A 41 -1.34 -16.34 0.15
C ALA A 41 -0.15 -17.29 -0.04
N ARG A 42 0.28 -17.46 -1.31
CA ARG A 42 1.46 -18.27 -1.69
C ARG A 42 2.73 -17.62 -1.12
N ARG A 43 2.77 -16.27 -1.16
CA ARG A 43 3.86 -15.47 -0.58
C ARG A 43 3.84 -15.52 0.95
N GLY A 44 2.63 -15.63 1.53
CA GLY A 44 2.45 -15.76 2.98
C GLY A 44 1.48 -14.74 3.58
N TYR A 45 0.95 -13.84 2.75
CA TYR A 45 0.01 -12.78 3.17
C TYR A 45 -1.38 -13.35 3.47
N GLN A 46 -2.01 -12.84 4.55
CA GLN A 46 -3.36 -13.23 4.98
C GLN A 46 -4.39 -12.57 4.06
N VAL A 47 -5.04 -13.37 3.21
CA VAL A 47 -6.00 -12.89 2.22
C VAL A 47 -7.42 -13.32 2.62
N HIS A 48 -8.37 -12.38 2.56
CA HIS A 48 -9.78 -12.65 2.83
C HIS A 48 -10.56 -12.28 1.57
N VAL A 49 -10.92 -13.31 0.78
CA VAL A 49 -11.66 -13.10 -0.49
C VAL A 49 -13.17 -13.10 -0.18
N THR A 50 -13.83 -12.00 -0.56
CA THR A 50 -15.26 -11.83 -0.29
C THR A 50 -16.08 -12.57 -1.37
N GLN A 51 -16.53 -13.78 -1.03
CA GLN A 51 -17.32 -14.63 -1.94
C GLN A 51 -18.76 -14.13 -2.01
N ASN A 52 -19.35 -13.89 -0.83
CA ASN A 52 -20.74 -13.43 -0.67
C ASN A 52 -20.73 -12.04 0.01
N GLY A 53 -20.79 -10.98 -0.81
CA GLY A 53 -20.80 -9.60 -0.32
C GLY A 53 -20.40 -8.62 -1.41
N THR A 54 -21.40 -8.21 -2.21
CA THR A 54 -21.24 -7.28 -3.37
C THR A 54 -20.44 -7.95 -4.51
N TYR A 55 -19.10 -7.99 -4.37
CA TYR A 55 -18.17 -8.60 -5.36
C TYR A 55 -16.95 -9.22 -4.63
N TRP A 56 -16.09 -9.86 -5.42
CA TRP A 56 -14.94 -10.64 -4.92
C TRP A 56 -13.76 -9.73 -4.54
N GLU A 57 -13.82 -9.20 -3.31
CA GLU A 57 -12.80 -8.32 -2.75
C GLU A 57 -11.78 -9.11 -1.89
N VAL A 58 -10.56 -9.23 -2.40
CA VAL A 58 -9.43 -9.87 -1.72
C VAL A 58 -8.73 -8.83 -0.81
N GLU A 59 -8.95 -8.97 0.50
CA GLU A 59 -8.30 -8.15 1.53
C GLU A 59 -6.92 -8.76 1.86
N VAL A 60 -5.89 -8.27 1.17
CA VAL A 60 -4.49 -8.70 1.39
C VAL A 60 -3.91 -7.95 2.58
N ARG A 61 -4.05 -8.55 3.77
CA ARG A 61 -3.56 -8.02 5.04
C ARG A 61 -2.01 -8.10 5.09
N MET A 1 37.34 47.22 -17.38
CA MET A 1 37.56 45.76 -17.36
C MET A 1 37.40 45.21 -15.93
N GLY A 2 37.02 43.93 -15.84
CA GLY A 2 36.76 43.25 -14.57
C GLY A 2 35.97 41.97 -14.79
N SER A 3 35.88 41.13 -13.76
CA SER A 3 35.21 39.81 -13.88
C SER A 3 34.68 39.33 -12.50
N SER A 4 33.65 38.46 -12.56
CA SER A 4 33.04 37.83 -11.37
C SER A 4 33.90 36.64 -10.90
N HIS A 5 33.62 36.15 -9.68
CA HIS A 5 34.32 34.99 -9.09
C HIS A 5 33.77 33.69 -9.70
N HIS A 6 34.67 32.85 -10.24
CA HIS A 6 34.32 31.54 -10.83
C HIS A 6 33.95 30.56 -9.70
N HIS A 7 32.71 30.68 -9.20
CA HIS A 7 32.18 29.86 -8.12
C HIS A 7 30.67 30.15 -7.96
N HIS A 8 29.89 29.09 -7.77
CA HIS A 8 28.46 29.13 -7.49
C HIS A 8 28.13 28.08 -6.42
N HIS A 9 26.85 27.98 -6.04
CA HIS A 9 26.37 26.96 -5.10
C HIS A 9 24.91 26.61 -5.42
N HIS A 10 24.63 25.29 -5.54
CA HIS A 10 23.28 24.76 -5.73
C HIS A 10 22.68 24.44 -4.35
N SER A 11 21.47 24.97 -4.10
CA SER A 11 20.68 24.62 -2.91
C SER A 11 20.04 23.24 -3.11
N SER A 12 20.18 22.35 -2.12
CA SER A 12 19.64 20.97 -2.18
C SER A 12 18.46 20.82 -1.17
N GLY A 13 17.30 20.35 -1.68
CA GLY A 13 16.10 20.14 -0.85
C GLY A 13 15.60 18.69 -0.92
N LEU A 14 16.29 17.81 -0.18
CA LEU A 14 15.99 16.35 -0.13
C LEU A 14 14.76 16.10 0.76
N VAL A 15 13.78 15.35 0.24
CA VAL A 15 12.53 15.03 0.97
C VAL A 15 12.35 13.49 1.05
N PRO A 16 11.74 12.94 2.16
CA PRO A 16 11.42 11.49 2.28
C PRO A 16 10.24 11.07 1.38
N ARG A 17 9.95 9.75 1.33
CA ARG A 17 8.86 9.19 0.51
C ARG A 17 7.55 9.13 1.30
N GLY A 18 6.43 8.86 0.60
CA GLY A 18 5.13 8.69 1.22
C GLY A 18 4.85 7.22 1.55
N SER A 19 4.90 6.87 2.85
CA SER A 19 4.62 5.51 3.35
C SER A 19 3.11 5.20 3.24
N HIS A 20 2.72 4.53 2.14
CA HIS A 20 1.33 4.15 1.88
C HIS A 20 1.13 2.65 2.17
N MET A 21 0.29 2.34 3.16
CA MET A 21 0.01 0.97 3.62
C MET A 21 -1.48 0.63 3.40
N THR A 22 -1.77 -0.70 3.32
CA THR A 22 -3.13 -1.26 3.26
C THR A 22 -3.83 -0.93 1.93
N THR A 23 -3.79 -1.87 1.00
CA THR A 23 -4.46 -1.78 -0.30
C THR A 23 -5.04 -3.15 -0.67
N ARG A 24 -6.34 -3.32 -0.41
CA ARG A 24 -7.08 -4.51 -0.81
C ARG A 24 -7.50 -4.40 -2.28
N TYR A 25 -7.72 -5.54 -2.93
CA TYR A 25 -8.06 -5.60 -4.36
C TYR A 25 -9.52 -6.05 -4.55
N ARG A 26 -10.34 -5.11 -5.02
CA ARG A 26 -11.76 -5.31 -5.32
C ARG A 26 -11.91 -5.79 -6.76
N PHE A 27 -12.61 -6.93 -6.94
CA PHE A 27 -12.85 -7.51 -8.27
C PHE A 27 -14.34 -7.85 -8.42
N THR A 28 -14.89 -7.54 -9.60
CA THR A 28 -16.21 -8.01 -10.05
C THR A 28 -16.07 -9.34 -10.81
N ASP A 29 -14.82 -9.69 -11.20
CA ASP A 29 -14.48 -10.99 -11.78
C ASP A 29 -14.02 -11.94 -10.67
N GLU A 30 -14.69 -13.11 -10.58
CA GLU A 30 -14.33 -14.17 -9.63
C GLU A 30 -12.89 -14.66 -9.91
N GLU A 31 -12.58 -14.79 -11.23
CA GLU A 31 -11.29 -15.32 -11.75
C GLU A 31 -10.08 -14.59 -11.14
N GLU A 32 -10.07 -13.25 -11.24
CA GLU A 32 -8.94 -12.42 -10.79
C GLU A 32 -8.69 -12.58 -9.28
N ALA A 33 -9.79 -12.57 -8.52
CA ALA A 33 -9.76 -12.74 -7.05
C ALA A 33 -9.33 -14.15 -6.64
N ARG A 34 -9.73 -15.16 -7.44
CA ARG A 34 -9.52 -16.59 -7.16
C ARG A 34 -8.04 -16.99 -7.40
N ARG A 35 -7.47 -16.45 -8.50
CA ARG A 35 -6.05 -16.65 -8.86
C ARG A 35 -5.14 -15.97 -7.81
N ALA A 36 -5.45 -14.69 -7.55
CA ALA A 36 -4.62 -13.80 -6.71
C ALA A 36 -4.66 -14.21 -5.23
N ALA A 37 -5.83 -14.70 -4.75
CA ALA A 37 -6.00 -15.15 -3.35
C ALA A 37 -5.07 -16.33 -3.04
N LYS A 38 -5.07 -17.32 -3.94
CA LYS A 38 -4.22 -18.52 -3.83
C LYS A 38 -2.73 -18.17 -4.02
N GLU A 39 -2.48 -17.13 -4.83
CA GLU A 39 -1.11 -16.71 -5.19
C GLU A 39 -0.43 -16.01 -3.99
N TRP A 40 -1.13 -15.03 -3.40
CA TRP A 40 -0.67 -14.31 -2.19
C TRP A 40 -0.62 -15.26 -0.97
N ALA A 41 -1.51 -16.26 -0.95
CA ALA A 41 -1.52 -17.31 0.09
C ALA A 41 -0.22 -18.13 0.05
N ARG A 42 0.23 -18.46 -1.18
CA ARG A 42 1.53 -19.10 -1.45
C ARG A 42 2.68 -18.24 -0.91
N ARG A 43 2.59 -16.93 -1.15
CA ARG A 43 3.63 -15.96 -0.76
C ARG A 43 3.63 -15.73 0.76
N GLY A 44 2.49 -15.97 1.42
CA GLY A 44 2.36 -15.90 2.88
C GLY A 44 1.48 -14.76 3.36
N TYR A 45 0.97 -13.93 2.41
CA TYR A 45 0.08 -12.79 2.71
C TYR A 45 -1.30 -13.27 3.16
N GLN A 46 -1.78 -12.74 4.30
CA GLN A 46 -3.12 -13.02 4.82
C GLN A 46 -4.13 -12.25 3.96
N VAL A 47 -4.81 -12.97 3.07
CA VAL A 47 -5.68 -12.39 2.04
C VAL A 47 -7.06 -13.06 2.09
N HIS A 48 -8.07 -12.28 2.51
CA HIS A 48 -9.43 -12.79 2.78
C HIS A 48 -10.40 -12.34 1.70
N VAL A 49 -10.97 -13.28 0.94
CA VAL A 49 -11.96 -12.96 -0.11
C VAL A 49 -13.34 -12.76 0.53
N THR A 50 -14.12 -11.84 -0.07
CA THR A 50 -15.52 -11.60 0.32
C THR A 50 -16.39 -12.71 -0.26
N GLN A 51 -17.39 -13.17 0.51
CA GLN A 51 -18.15 -14.39 0.22
C GLN A 51 -19.11 -14.22 -0.98
N ASN A 52 -18.57 -14.55 -2.17
CA ASN A 52 -19.32 -14.89 -3.41
C ASN A 52 -20.44 -13.88 -3.78
N GLY A 53 -21.62 -14.02 -3.10
CA GLY A 53 -22.86 -13.32 -3.49
C GLY A 53 -22.96 -11.89 -2.96
N THR A 54 -21.84 -11.14 -3.04
CA THR A 54 -21.78 -9.70 -2.78
C THR A 54 -20.78 -9.09 -3.80
N TYR A 55 -19.48 -9.22 -3.50
CA TYR A 55 -18.35 -8.84 -4.40
C TYR A 55 -17.20 -9.81 -4.13
N TRP A 56 -16.15 -9.79 -4.97
CA TRP A 56 -14.93 -10.59 -4.77
C TRP A 56 -13.79 -9.63 -4.40
N GLU A 57 -13.79 -9.21 -3.12
CA GLU A 57 -12.81 -8.27 -2.57
C GLU A 57 -11.83 -9.03 -1.71
N VAL A 58 -10.58 -9.09 -2.16
CA VAL A 58 -9.50 -9.75 -1.45
C VAL A 58 -8.84 -8.73 -0.49
N GLU A 59 -9.18 -8.85 0.81
CA GLU A 59 -8.60 -8.04 1.89
C GLU A 59 -7.11 -8.41 2.07
N VAL A 60 -6.22 -7.65 1.39
CA VAL A 60 -4.78 -7.93 1.38
C VAL A 60 -4.09 -7.26 2.57
N ARG A 61 -3.55 -8.10 3.48
CA ARG A 61 -2.76 -7.64 4.62
C ARG A 61 -1.34 -7.28 4.10
N MET A 1 39.21 39.13 -11.92
CA MET A 1 38.37 39.79 -10.90
C MET A 1 37.02 39.08 -10.80
N GLY A 2 36.46 39.04 -9.57
CA GLY A 2 35.19 38.37 -9.30
C GLY A 2 34.82 38.45 -7.83
N SER A 3 33.58 38.04 -7.52
CA SER A 3 33.03 38.05 -6.16
C SER A 3 32.36 36.69 -5.84
N SER A 4 32.93 35.96 -4.88
CA SER A 4 32.47 34.63 -4.47
C SER A 4 31.64 34.72 -3.19
N HIS A 5 30.32 34.52 -3.32
CA HIS A 5 29.36 34.60 -2.22
C HIS A 5 29.25 33.24 -1.51
N HIS A 6 30.14 32.99 -0.54
CA HIS A 6 30.12 31.77 0.27
C HIS A 6 29.00 31.88 1.35
N HIS A 7 27.84 31.29 1.05
CA HIS A 7 26.73 31.15 2.02
C HIS A 7 26.89 29.84 2.78
N HIS A 8 26.42 29.80 4.03
CA HIS A 8 26.31 28.56 4.82
C HIS A 8 24.96 27.88 4.54
N HIS A 9 24.82 26.61 4.95
CA HIS A 9 23.60 25.81 4.74
C HIS A 9 22.59 26.05 5.88
N HIS A 10 21.29 25.96 5.57
CA HIS A 10 20.19 26.00 6.54
C HIS A 10 19.16 24.92 6.17
N SER A 11 18.52 24.32 7.18
CA SER A 11 17.47 23.32 7.00
C SER A 11 16.11 24.02 6.78
N SER A 12 15.24 23.38 5.98
CA SER A 12 13.85 23.83 5.79
C SER A 12 13.01 23.40 7.02
N GLY A 13 13.31 22.20 7.55
CA GLY A 13 12.63 21.68 8.75
C GLY A 13 12.76 20.16 8.90
N LEU A 14 13.08 19.46 7.78
CA LEU A 14 13.23 17.99 7.72
C LEU A 14 11.86 17.32 7.95
N VAL A 15 11.15 17.03 6.84
CA VAL A 15 9.76 16.52 6.86
C VAL A 15 9.67 15.09 6.22
N PRO A 16 9.31 14.03 7.02
CA PRO A 16 9.24 12.63 6.52
C PRO A 16 7.90 12.29 5.81
N ARG A 17 7.80 11.03 5.32
CA ARG A 17 6.56 10.47 4.73
C ARG A 17 6.44 8.99 5.10
N GLY A 18 5.20 8.48 5.14
CA GLY A 18 4.91 7.08 5.42
C GLY A 18 4.65 6.29 4.14
N SER A 19 3.50 5.58 4.10
CA SER A 19 3.08 4.75 2.97
C SER A 19 1.56 4.47 3.11
N HIS A 20 1.03 3.57 2.27
CA HIS A 20 -0.39 3.14 2.33
C HIS A 20 -0.55 1.99 3.35
N MET A 21 -1.78 1.82 3.86
CA MET A 21 -2.15 0.71 4.79
C MET A 21 -3.38 -0.01 4.24
N THR A 22 -3.49 -1.32 4.56
CA THR A 22 -4.57 -2.22 4.13
C THR A 22 -4.50 -2.43 2.60
N THR A 23 -3.84 -3.53 2.19
CA THR A 23 -3.75 -3.94 0.78
C THR A 23 -4.87 -4.94 0.46
N ARG A 24 -5.93 -4.46 -0.19
CA ARG A 24 -7.05 -5.30 -0.64
C ARG A 24 -7.35 -4.99 -2.11
N TYR A 25 -7.80 -6.01 -2.85
CA TYR A 25 -7.95 -5.95 -4.30
C TYR A 25 -9.35 -6.46 -4.67
N ARG A 26 -10.17 -5.56 -5.24
CA ARG A 26 -11.57 -5.84 -5.60
C ARG A 26 -11.63 -6.44 -7.01
N PHE A 27 -12.46 -7.48 -7.17
CA PHE A 27 -12.65 -8.19 -8.44
C PHE A 27 -14.15 -8.47 -8.64
N THR A 28 -14.53 -8.71 -9.90
CA THR A 28 -15.88 -9.14 -10.27
C THR A 28 -15.91 -10.68 -10.38
N ASP A 29 -14.93 -11.22 -11.12
CA ASP A 29 -14.79 -12.66 -11.35
C ASP A 29 -14.16 -13.35 -10.14
N GLU A 30 -14.89 -14.35 -9.62
CA GLU A 30 -14.45 -15.19 -8.50
C GLU A 30 -13.15 -15.95 -8.83
N GLU A 31 -13.00 -16.35 -10.13
CA GLU A 31 -11.81 -17.07 -10.63
C GLU A 31 -10.56 -16.20 -10.50
N GLU A 32 -10.61 -15.02 -11.10
CA GLU A 32 -9.48 -14.07 -11.13
C GLU A 32 -9.16 -13.56 -9.70
N ALA A 33 -10.19 -13.49 -8.86
CA ALA A 33 -10.07 -13.09 -7.46
C ALA A 33 -9.33 -14.14 -6.62
N ARG A 34 -9.68 -15.42 -6.86
CA ARG A 34 -9.13 -16.57 -6.11
C ARG A 34 -7.69 -16.89 -6.58
N ARG A 35 -7.43 -16.69 -7.88
CA ARG A 35 -6.09 -16.88 -8.50
C ARG A 35 -5.13 -15.79 -8.01
N ALA A 36 -5.66 -14.55 -7.84
CA ALA A 36 -4.91 -13.42 -7.28
C ALA A 36 -4.73 -13.58 -5.75
N ALA A 37 -5.76 -14.16 -5.10
CA ALA A 37 -5.74 -14.43 -3.64
C ALA A 37 -4.61 -15.39 -3.31
N LYS A 38 -4.53 -16.48 -4.10
CA LYS A 38 -3.55 -17.57 -3.91
C LYS A 38 -2.13 -17.13 -4.37
N GLU A 39 -2.08 -16.13 -5.26
CA GLU A 39 -0.83 -15.52 -5.75
C GLU A 39 -0.16 -14.72 -4.60
N TRP A 40 -0.96 -13.87 -3.93
CA TRP A 40 -0.52 -13.07 -2.77
C TRP A 40 -0.35 -13.94 -1.51
N ALA A 41 -1.11 -15.05 -1.44
CA ALA A 41 -1.00 -16.05 -0.35
C ALA A 41 0.38 -16.74 -0.40
N ARG A 42 0.84 -17.02 -1.62
CA ARG A 42 2.14 -17.65 -1.92
C ARG A 42 3.31 -16.72 -1.51
N ARG A 43 3.07 -15.40 -1.61
CA ARG A 43 4.06 -14.36 -1.22
C ARG A 43 4.31 -14.33 0.31
N GLY A 44 3.43 -14.99 1.09
CA GLY A 44 3.55 -15.07 2.55
C GLY A 44 2.56 -14.18 3.26
N TYR A 45 1.43 -13.88 2.60
CA TYR A 45 0.33 -13.06 3.16
C TYR A 45 -0.89 -13.95 3.42
N GLN A 46 -1.61 -13.64 4.50
CA GLN A 46 -2.88 -14.27 4.84
C GLN A 46 -4.01 -13.51 4.13
N VAL A 47 -4.67 -14.18 3.18
CA VAL A 47 -5.69 -13.55 2.32
C VAL A 47 -7.07 -14.08 2.71
N HIS A 48 -8.02 -13.17 2.93
CA HIS A 48 -9.41 -13.51 3.27
C HIS A 48 -10.33 -13.14 2.11
N VAL A 49 -11.10 -14.11 1.62
CA VAL A 49 -12.09 -13.91 0.56
C VAL A 49 -13.40 -13.39 1.17
N THR A 50 -13.95 -12.35 0.53
CA THR A 50 -15.20 -11.70 0.93
C THR A 50 -16.18 -11.75 -0.26
N GLN A 51 -17.13 -12.71 -0.19
CA GLN A 51 -18.12 -12.98 -1.25
C GLN A 51 -19.53 -12.49 -0.80
N ASN A 52 -20.58 -12.94 -1.54
CA ASN A 52 -22.00 -12.64 -1.27
C ASN A 52 -22.30 -11.15 -1.54
N GLY A 53 -22.81 -10.85 -2.75
CA GLY A 53 -23.11 -9.47 -3.17
C GLY A 53 -22.84 -9.28 -4.66
N THR A 54 -22.32 -8.09 -5.03
CA THR A 54 -21.98 -7.74 -6.42
C THR A 54 -20.45 -7.63 -6.62
N TYR A 55 -19.68 -7.72 -5.50
CA TYR A 55 -18.21 -7.55 -5.50
C TYR A 55 -17.54 -8.70 -4.74
N TRP A 56 -16.50 -9.28 -5.36
CA TRP A 56 -15.68 -10.34 -4.77
C TRP A 56 -14.35 -9.73 -4.31
N GLU A 57 -14.29 -9.39 -3.01
CA GLU A 57 -13.19 -8.63 -2.40
C GLU A 57 -12.12 -9.59 -1.83
N VAL A 58 -10.82 -9.24 -2.00
CA VAL A 58 -9.68 -10.06 -1.53
C VAL A 58 -8.80 -9.23 -0.56
N GLU A 59 -8.91 -9.52 0.74
CA GLU A 59 -8.21 -8.80 1.82
C GLU A 59 -6.82 -9.43 2.07
N VAL A 60 -5.80 -8.87 1.42
CA VAL A 60 -4.40 -9.33 1.56
C VAL A 60 -3.79 -8.69 2.84
N ARG A 61 -3.80 -9.45 3.95
CA ARG A 61 -3.23 -9.02 5.25
C ARG A 61 -1.84 -9.65 5.44
N MET A 1 42.38 40.42 -16.34
CA MET A 1 43.51 39.55 -15.89
C MET A 1 43.16 38.83 -14.56
N GLY A 2 41.87 38.88 -14.17
CA GLY A 2 41.43 38.40 -12.86
C GLY A 2 41.39 36.88 -12.74
N SER A 3 41.30 36.39 -11.48
CA SER A 3 41.25 34.95 -11.17
C SER A 3 39.90 34.59 -10.53
N SER A 4 38.94 34.22 -11.38
CA SER A 4 37.59 33.80 -10.98
C SER A 4 37.61 32.33 -10.52
N HIS A 5 37.18 32.06 -9.27
CA HIS A 5 37.08 30.70 -8.69
C HIS A 5 35.65 30.48 -8.16
N HIS A 6 35.07 29.31 -8.48
CA HIS A 6 33.69 28.94 -8.06
C HIS A 6 33.73 27.53 -7.44
N HIS A 7 33.54 27.45 -6.12
CA HIS A 7 33.53 26.20 -5.34
C HIS A 7 32.10 25.61 -5.34
N HIS A 8 31.98 24.29 -5.62
CA HIS A 8 30.67 23.59 -5.62
C HIS A 8 30.34 23.07 -4.21
N HIS A 9 29.04 23.02 -3.87
CA HIS A 9 28.57 22.47 -2.58
C HIS A 9 28.11 21.01 -2.73
N HIS A 10 27.94 20.33 -1.59
CA HIS A 10 27.39 18.96 -1.50
C HIS A 10 25.89 19.05 -1.12
N SER A 11 25.12 18.03 -1.49
CA SER A 11 23.66 17.97 -1.25
C SER A 11 23.25 16.54 -0.84
N SER A 12 22.67 16.39 0.36
CA SER A 12 22.15 15.11 0.87
C SER A 12 20.95 15.39 1.80
N GLY A 13 19.73 15.15 1.29
CA GLY A 13 18.49 15.31 2.07
C GLY A 13 18.10 14.03 2.80
N LEU A 14 17.91 12.95 2.01
CA LEU A 14 17.50 11.60 2.49
C LEU A 14 16.06 11.68 3.05
N VAL A 15 15.07 11.23 2.25
CA VAL A 15 13.64 11.22 2.65
C VAL A 15 13.25 9.81 3.14
N PRO A 16 12.35 9.68 4.19
CA PRO A 16 11.81 8.38 4.65
C PRO A 16 10.83 7.76 3.62
N ARG A 17 10.57 6.46 3.78
CA ARG A 17 9.68 5.69 2.88
C ARG A 17 8.21 6.08 3.15
N GLY A 18 7.61 6.85 2.23
CA GLY A 18 6.20 7.24 2.31
C GLY A 18 5.29 6.18 1.69
N SER A 19 5.26 4.98 2.31
CA SER A 19 4.45 3.84 1.86
C SER A 19 3.04 3.89 2.47
N HIS A 20 2.04 4.11 1.61
CA HIS A 20 0.61 4.19 2.00
C HIS A 20 0.03 2.80 2.27
N MET A 21 -0.58 2.61 3.45
CA MET A 21 -1.11 1.31 3.93
C MET A 21 -2.53 1.02 3.38
N THR A 22 -3.09 -0.12 3.84
CA THR A 22 -4.41 -0.66 3.46
C THR A 22 -4.44 -1.10 1.99
N THR A 23 -4.29 -2.41 1.73
CA THR A 23 -4.41 -3.02 0.41
C THR A 23 -5.78 -3.72 0.27
N ARG A 24 -6.77 -2.97 -0.26
CA ARG A 24 -8.13 -3.45 -0.52
C ARG A 24 -8.29 -3.72 -2.02
N TYR A 25 -8.10 -4.98 -2.41
CA TYR A 25 -8.31 -5.45 -3.79
C TYR A 25 -9.76 -5.93 -3.93
N ARG A 26 -10.41 -5.58 -5.05
CA ARG A 26 -11.78 -6.01 -5.36
C ARG A 26 -11.85 -6.52 -6.79
N PHE A 27 -12.52 -7.66 -6.96
CA PHE A 27 -12.69 -8.32 -8.26
C PHE A 27 -14.18 -8.58 -8.50
N THR A 28 -14.69 -8.14 -9.66
CA THR A 28 -16.07 -8.39 -10.08
C THR A 28 -16.21 -9.82 -10.67
N ASP A 29 -15.07 -10.43 -10.98
CA ASP A 29 -14.97 -11.83 -11.41
C ASP A 29 -14.43 -12.66 -10.22
N GLU A 30 -15.17 -13.72 -9.85
CA GLU A 30 -14.85 -14.56 -8.67
C GLU A 30 -13.58 -15.36 -8.87
N GLU A 31 -13.35 -15.83 -10.10
CA GLU A 31 -12.21 -16.70 -10.44
C GLU A 31 -10.90 -15.86 -10.47
N GLU A 32 -11.02 -14.55 -10.74
CA GLU A 32 -9.90 -13.59 -10.64
C GLU A 32 -9.56 -13.32 -9.16
N ALA A 33 -10.60 -13.29 -8.31
CA ALA A 33 -10.44 -13.14 -6.85
C ALA A 33 -9.72 -14.36 -6.27
N ARG A 34 -10.09 -15.56 -6.78
CA ARG A 34 -9.44 -16.84 -6.41
C ARG A 34 -7.98 -16.82 -6.87
N ARG A 35 -7.77 -16.52 -8.16
CA ARG A 35 -6.45 -16.57 -8.83
C ARG A 35 -5.40 -15.73 -8.10
N ALA A 36 -5.80 -14.51 -7.76
CA ALA A 36 -4.95 -13.53 -7.09
C ALA A 36 -4.67 -13.95 -5.63
N ALA A 37 -5.73 -14.42 -4.94
CA ALA A 37 -5.65 -14.85 -3.51
C ALA A 37 -4.72 -16.05 -3.32
N LYS A 38 -4.79 -17.00 -4.28
CA LYS A 38 -3.91 -18.20 -4.31
C LYS A 38 -2.43 -17.77 -4.38
N GLU A 39 -2.18 -16.72 -5.18
CA GLU A 39 -0.83 -16.21 -5.45
C GLU A 39 -0.26 -15.43 -4.25
N TRP A 40 -1.09 -14.61 -3.59
CA TRP A 40 -0.66 -13.82 -2.43
C TRP A 40 -0.40 -14.74 -1.22
N ALA A 41 -1.28 -15.75 -1.01
CA ALA A 41 -1.10 -16.78 0.04
C ALA A 41 0.21 -17.57 -0.22
N ARG A 42 0.45 -17.88 -1.50
CA ARG A 42 1.67 -18.55 -2.01
C ARG A 42 2.93 -17.72 -1.68
N ARG A 43 2.78 -16.38 -1.69
CA ARG A 43 3.88 -15.42 -1.42
C ARG A 43 3.85 -14.89 0.03
N GLY A 44 3.03 -15.51 0.89
CA GLY A 44 3.08 -15.30 2.36
C GLY A 44 2.16 -14.20 2.89
N TYR A 45 1.43 -13.51 2.01
CA TYR A 45 0.42 -12.49 2.39
C TYR A 45 -0.80 -13.20 3.02
N GLN A 46 -1.27 -12.69 4.18
CA GLN A 46 -2.45 -13.26 4.86
C GLN A 46 -3.71 -12.71 4.20
N VAL A 47 -4.37 -13.56 3.39
CA VAL A 47 -5.49 -13.17 2.52
C VAL A 47 -6.77 -13.91 2.92
N HIS A 48 -7.89 -13.18 2.86
CA HIS A 48 -9.23 -13.70 3.18
C HIS A 48 -10.19 -13.25 2.09
N VAL A 49 -10.79 -14.23 1.37
CA VAL A 49 -11.70 -13.97 0.26
C VAL A 49 -13.13 -13.72 0.76
N THR A 50 -13.76 -12.64 0.24
CA THR A 50 -15.15 -12.32 0.50
C THR A 50 -16.04 -13.23 -0.37
N GLN A 51 -17.17 -13.67 0.18
CA GLN A 51 -18.07 -14.63 -0.47
C GLN A 51 -18.95 -13.93 -1.56
N ASN A 52 -20.04 -14.61 -1.99
CA ASN A 52 -20.91 -14.13 -3.09
C ASN A 52 -21.38 -12.68 -2.88
N GLY A 53 -20.84 -11.79 -3.72
CA GLY A 53 -21.16 -10.38 -3.69
C GLY A 53 -20.73 -9.70 -4.97
N THR A 54 -21.15 -8.44 -5.17
CA THR A 54 -20.86 -7.64 -6.37
C THR A 54 -19.33 -7.44 -6.55
N TYR A 55 -18.64 -7.30 -5.41
CA TYR A 55 -17.18 -7.18 -5.34
C TYR A 55 -16.65 -8.33 -4.48
N TRP A 56 -16.12 -9.38 -5.13
CA TRP A 56 -15.34 -10.43 -4.46
C TRP A 56 -13.97 -9.84 -4.05
N GLU A 57 -13.96 -9.23 -2.87
CA GLU A 57 -12.78 -8.53 -2.34
C GLU A 57 -11.89 -9.50 -1.57
N VAL A 58 -10.58 -9.44 -1.82
CA VAL A 58 -9.61 -10.22 -1.06
C VAL A 58 -8.92 -9.27 -0.06
N GLU A 59 -9.23 -9.47 1.23
CA GLU A 59 -8.65 -8.71 2.35
C GLU A 59 -7.20 -9.17 2.58
N VAL A 60 -6.25 -8.46 1.95
CA VAL A 60 -4.82 -8.83 1.93
C VAL A 60 -4.05 -8.08 3.03
N ARG A 61 -3.23 -8.82 3.78
CA ARG A 61 -2.29 -8.26 4.76
C ARG A 61 -0.88 -8.27 4.14
N MET A 1 23.30 52.40 9.22
CA MET A 1 22.02 51.66 9.33
C MET A 1 21.19 51.85 8.05
N GLY A 2 20.61 50.75 7.54
CA GLY A 2 19.78 50.78 6.33
C GLY A 2 20.39 49.90 5.24
N SER A 3 19.86 48.69 5.09
CA SER A 3 20.26 47.75 4.02
C SER A 3 19.43 48.02 2.75
N SER A 4 20.12 48.30 1.64
CA SER A 4 19.53 48.60 0.32
C SER A 4 18.70 47.41 -0.21
N HIS A 5 17.69 47.73 -1.05
CA HIS A 5 16.85 46.72 -1.70
C HIS A 5 17.57 46.16 -2.93
N HIS A 6 18.06 44.91 -2.84
CA HIS A 6 18.74 44.22 -3.94
C HIS A 6 18.66 42.69 -3.75
N HIS A 7 17.63 42.07 -4.34
CA HIS A 7 17.47 40.60 -4.40
C HIS A 7 17.26 40.19 -5.88
N HIS A 8 17.86 39.07 -6.30
CA HIS A 8 17.73 38.57 -7.69
C HIS A 8 16.42 37.76 -7.83
N HIS A 9 16.45 36.51 -7.35
CA HIS A 9 15.36 35.52 -7.49
C HIS A 9 15.74 34.27 -6.68
N HIS A 10 14.74 33.50 -6.20
CA HIS A 10 15.00 32.24 -5.48
C HIS A 10 14.02 31.16 -5.97
N SER A 11 14.46 29.90 -5.90
CA SER A 11 13.65 28.72 -6.23
C SER A 11 13.63 27.80 -5.01
N SER A 12 12.48 27.77 -4.32
CA SER A 12 12.26 26.96 -3.11
C SER A 12 11.23 25.85 -3.41
N GLY A 13 11.75 24.66 -3.76
CA GLY A 13 10.92 23.50 -4.05
C GLY A 13 10.76 22.61 -2.81
N LEU A 14 9.76 22.92 -1.98
CA LEU A 14 9.40 22.13 -0.79
C LEU A 14 8.60 20.87 -1.21
N VAL A 15 9.09 19.68 -0.79
CA VAL A 15 8.48 18.38 -1.11
C VAL A 15 7.52 17.92 0.03
N PRO A 16 6.22 17.61 -0.27
CA PRO A 16 5.34 16.86 0.64
C PRO A 16 5.42 15.34 0.39
N ARG A 17 4.82 14.55 1.28
CA ARG A 17 4.78 13.08 1.18
C ARG A 17 3.53 12.55 1.91
N GLY A 18 2.71 11.75 1.20
CA GLY A 18 1.50 11.16 1.77
C GLY A 18 1.10 9.88 1.05
N SER A 19 0.90 8.78 1.80
CA SER A 19 0.57 7.45 1.24
C SER A 19 -0.92 7.11 1.48
N HIS A 20 -1.38 5.96 0.91
CA HIS A 20 -2.74 5.45 1.05
C HIS A 20 -2.69 4.08 1.73
N MET A 21 -3.00 4.05 3.04
CA MET A 21 -2.91 2.83 3.88
C MET A 21 -4.20 1.98 3.72
N THR A 22 -4.10 0.68 4.11
CA THR A 22 -5.14 -0.34 3.95
C THR A 22 -5.32 -0.69 2.45
N THR A 23 -4.45 -1.58 1.95
CA THR A 23 -4.44 -2.03 0.54
C THR A 23 -5.25 -3.33 0.40
N ARG A 24 -6.55 -3.17 0.10
CA ARG A 24 -7.47 -4.28 -0.19
C ARG A 24 -7.86 -4.24 -1.68
N TYR A 25 -7.93 -5.42 -2.29
CA TYR A 25 -8.29 -5.58 -3.71
C TYR A 25 -9.75 -6.05 -3.81
N ARG A 26 -10.34 -5.89 -5.01
CA ARG A 26 -11.71 -6.31 -5.28
C ARG A 26 -11.91 -6.61 -6.79
N PHE A 27 -12.58 -7.75 -7.06
CA PHE A 27 -12.86 -8.25 -8.43
C PHE A 27 -14.31 -8.73 -8.48
N THR A 28 -14.99 -8.53 -9.60
CA THR A 28 -16.38 -9.02 -9.78
C THR A 28 -16.39 -10.49 -10.31
N ASP A 29 -15.19 -11.02 -10.64
CA ASP A 29 -15.01 -12.40 -11.13
C ASP A 29 -14.31 -13.24 -10.04
N GLU A 30 -14.75 -14.51 -9.90
CA GLU A 30 -14.26 -15.44 -8.86
C GLU A 30 -12.82 -15.89 -9.14
N GLU A 31 -12.49 -16.12 -10.42
CA GLU A 31 -11.18 -16.67 -10.84
C GLU A 31 -10.08 -15.60 -10.72
N GLU A 32 -10.46 -14.32 -10.92
CA GLU A 32 -9.55 -13.18 -10.73
C GLU A 32 -9.21 -13.00 -9.25
N ALA A 33 -10.23 -13.11 -8.40
CA ALA A 33 -10.09 -13.02 -6.94
C ALA A 33 -9.30 -14.20 -6.37
N ARG A 34 -9.61 -15.40 -6.87
CA ARG A 34 -9.03 -16.66 -6.40
C ARG A 34 -7.55 -16.73 -6.77
N ARG A 35 -7.23 -16.46 -8.06
CA ARG A 35 -5.84 -16.49 -8.57
C ARG A 35 -4.95 -15.49 -7.83
N ALA A 36 -5.44 -14.24 -7.71
CA ALA A 36 -4.73 -13.15 -7.02
C ALA A 36 -4.43 -13.54 -5.57
N ALA A 37 -5.46 -14.08 -4.89
CA ALA A 37 -5.36 -14.57 -3.51
C ALA A 37 -4.31 -15.69 -3.39
N LYS A 38 -4.29 -16.60 -4.39
CA LYS A 38 -3.36 -17.76 -4.42
C LYS A 38 -1.92 -17.32 -4.67
N GLU A 39 -1.73 -16.18 -5.37
CA GLU A 39 -0.39 -15.61 -5.62
C GLU A 39 0.22 -15.11 -4.31
N TRP A 40 -0.53 -14.28 -3.57
CA TRP A 40 -0.05 -13.72 -2.30
C TRP A 40 0.05 -14.80 -1.21
N ALA A 41 -0.88 -15.78 -1.24
CA ALA A 41 -0.87 -16.94 -0.33
C ALA A 41 0.38 -17.81 -0.58
N ARG A 42 0.76 -17.94 -1.87
CA ARG A 42 1.98 -18.66 -2.30
C ARG A 42 3.23 -17.89 -1.80
N ARG A 43 3.12 -16.55 -1.78
CA ARG A 43 4.20 -15.66 -1.31
C ARG A 43 4.31 -15.62 0.23
N GLY A 44 3.25 -16.08 0.92
CA GLY A 44 3.25 -16.18 2.39
C GLY A 44 2.46 -15.06 3.06
N TYR A 45 1.37 -14.63 2.41
CA TYR A 45 0.45 -13.59 2.95
C TYR A 45 -0.92 -14.22 3.25
N GLN A 46 -1.55 -13.77 4.35
CA GLN A 46 -2.89 -14.23 4.72
C GLN A 46 -3.93 -13.40 3.96
N VAL A 47 -4.66 -14.08 3.07
CA VAL A 47 -5.67 -13.44 2.19
C VAL A 47 -7.06 -14.07 2.43
N HIS A 48 -8.12 -13.31 2.13
CA HIS A 48 -9.53 -13.74 2.33
C HIS A 48 -10.42 -13.17 1.22
N VAL A 49 -11.03 -14.07 0.42
CA VAL A 49 -12.03 -13.70 -0.59
C VAL A 49 -13.43 -13.65 0.07
N THR A 50 -13.97 -12.42 0.19
CA THR A 50 -15.34 -12.16 0.62
C THR A 50 -16.20 -11.82 -0.61
N GLN A 51 -17.53 -11.92 -0.48
CA GLN A 51 -18.47 -11.62 -1.59
C GLN A 51 -19.33 -10.39 -1.28
N ASN A 52 -20.02 -10.43 -0.11
CA ASN A 52 -21.09 -9.47 0.27
C ASN A 52 -22.27 -9.63 -0.72
N GLY A 53 -22.09 -9.06 -1.94
CA GLY A 53 -22.92 -9.33 -3.11
C GLY A 53 -22.23 -10.36 -4.00
N THR A 54 -22.25 -10.14 -5.32
CA THR A 54 -21.45 -10.95 -6.27
C THR A 54 -20.02 -10.37 -6.46
N TYR A 55 -19.57 -9.57 -5.45
CA TYR A 55 -18.30 -8.82 -5.51
C TYR A 55 -17.19 -9.58 -4.75
N TRP A 56 -16.38 -10.34 -5.49
CA TRP A 56 -15.29 -11.18 -4.92
C TRP A 56 -14.08 -10.31 -4.51
N GLU A 57 -14.13 -9.75 -3.29
CA GLU A 57 -13.12 -8.82 -2.77
C GLU A 57 -12.03 -9.57 -1.97
N VAL A 58 -10.75 -9.31 -2.29
CA VAL A 58 -9.61 -10.00 -1.63
C VAL A 58 -9.00 -9.11 -0.53
N GLU A 59 -9.31 -9.44 0.73
CA GLU A 59 -8.73 -8.82 1.91
C GLU A 59 -7.33 -9.41 2.18
N VAL A 60 -6.27 -8.62 1.91
CA VAL A 60 -4.88 -9.01 2.19
C VAL A 60 -4.48 -8.52 3.60
N ARG A 61 -3.75 -9.37 4.34
CA ARG A 61 -3.22 -9.05 5.68
C ARG A 61 -1.67 -8.97 5.57
N MET A 1 9.92 41.26 29.81
CA MET A 1 11.09 41.28 28.90
C MET A 1 10.62 41.18 27.44
N GLY A 2 11.41 41.76 26.52
CA GLY A 2 11.18 41.68 25.09
C GLY A 2 12.46 41.37 24.34
N SER A 3 13.34 40.56 24.97
CA SER A 3 14.64 40.18 24.42
C SER A 3 14.46 39.09 23.34
N SER A 4 14.15 39.55 22.12
CA SER A 4 14.04 38.69 20.93
C SER A 4 15.45 38.45 20.32
N HIS A 5 15.84 37.17 20.24
CA HIS A 5 17.19 36.75 19.79
C HIS A 5 17.20 36.24 18.33
N HIS A 6 16.06 36.41 17.63
CA HIS A 6 15.95 36.16 16.18
C HIS A 6 14.83 37.03 15.59
N HIS A 7 15.12 37.67 14.43
CA HIS A 7 14.16 38.49 13.68
C HIS A 7 14.13 37.99 12.22
N HIS A 8 15.32 37.64 11.72
CA HIS A 8 15.49 37.02 10.40
C HIS A 8 16.45 35.83 10.54
N HIS A 9 15.86 34.65 10.78
CA HIS A 9 16.56 33.37 10.83
C HIS A 9 15.81 32.42 9.88
N HIS A 10 16.44 32.14 8.72
CA HIS A 10 15.88 31.25 7.70
C HIS A 10 16.20 29.78 8.04
N SER A 11 15.14 29.00 8.33
CA SER A 11 15.25 27.55 8.53
C SER A 11 15.18 26.84 7.17
N SER A 12 16.05 25.83 6.97
CA SER A 12 16.06 24.98 5.76
C SER A 12 14.92 23.93 5.82
N GLY A 13 14.33 23.63 4.66
CA GLY A 13 13.30 22.61 4.54
C GLY A 13 13.84 21.35 3.88
N LEU A 14 12.98 20.31 3.82
CA LEU A 14 13.31 19.03 3.17
C LEU A 14 12.03 18.43 2.55
N VAL A 15 12.18 17.67 1.46
CA VAL A 15 11.04 16.98 0.81
C VAL A 15 10.78 15.64 1.54
N PRO A 16 9.60 15.48 2.23
CA PRO A 16 9.23 14.21 2.87
C PRO A 16 8.50 13.28 1.89
N ARG A 17 8.40 11.99 2.23
CA ARG A 17 7.65 10.99 1.45
C ARG A 17 7.25 9.82 2.35
N GLY A 18 6.03 9.32 2.15
CA GLY A 18 5.52 8.16 2.88
C GLY A 18 4.63 7.30 2.02
N SER A 19 3.98 6.33 2.68
CA SER A 19 3.06 5.37 2.04
C SER A 19 2.09 4.85 3.11
N HIS A 20 1.39 3.75 2.84
CA HIS A 20 0.49 3.10 3.82
C HIS A 20 0.37 1.60 3.54
N MET A 21 -0.08 0.85 4.55
CA MET A 21 -0.43 -0.58 4.42
C MET A 21 -1.97 -0.72 4.38
N THR A 22 -2.44 -1.99 4.42
CA THR A 22 -3.86 -2.35 4.36
C THR A 22 -4.49 -1.93 3.00
N THR A 23 -4.32 -2.81 2.01
CA THR A 23 -4.91 -2.68 0.69
C THR A 23 -5.81 -3.89 0.42
N ARG A 24 -7.11 -3.69 0.63
CA ARG A 24 -8.15 -4.64 0.25
C ARG A 24 -8.45 -4.46 -1.24
N TYR A 25 -8.07 -5.47 -2.04
CA TYR A 25 -8.35 -5.51 -3.49
C TYR A 25 -9.80 -5.97 -3.72
N ARG A 26 -10.35 -5.70 -4.91
CA ARG A 26 -11.69 -6.15 -5.30
C ARG A 26 -11.73 -6.53 -6.78
N PHE A 27 -12.36 -7.67 -7.06
CA PHE A 27 -12.47 -8.22 -8.42
C PHE A 27 -13.94 -8.59 -8.71
N THR A 28 -14.42 -8.28 -9.91
CA THR A 28 -15.75 -8.71 -10.38
C THR A 28 -15.66 -10.09 -11.05
N ASP A 29 -14.43 -10.47 -11.45
CA ASP A 29 -14.14 -11.78 -12.06
C ASP A 29 -13.82 -12.79 -10.96
N GLU A 30 -14.70 -13.81 -10.83
CA GLU A 30 -14.58 -14.86 -9.80
C GLU A 30 -13.28 -15.65 -9.95
N GLU A 31 -13.02 -16.15 -11.19
CA GLU A 31 -11.82 -16.98 -11.50
C GLU A 31 -10.52 -16.28 -11.08
N GLU A 32 -10.43 -14.99 -11.43
CA GLU A 32 -9.24 -14.17 -11.21
C GLU A 32 -9.12 -13.73 -9.73
N ALA A 33 -10.27 -13.62 -9.03
CA ALA A 33 -10.32 -13.27 -7.58
C ALA A 33 -9.82 -14.45 -6.72
N ARG A 34 -10.27 -15.67 -7.10
CA ARG A 34 -9.88 -16.94 -6.44
C ARG A 34 -8.37 -17.17 -6.61
N ARG A 35 -7.88 -16.91 -7.84
CA ARG A 35 -6.47 -17.05 -8.17
C ARG A 35 -5.64 -15.99 -7.43
N ALA A 36 -6.11 -14.73 -7.46
CA ALA A 36 -5.40 -13.57 -6.85
C ALA A 36 -5.14 -13.82 -5.36
N ALA A 37 -6.19 -14.26 -4.65
CA ALA A 37 -6.12 -14.61 -3.21
C ALA A 37 -5.03 -15.67 -2.96
N LYS A 38 -4.96 -16.65 -3.88
CA LYS A 38 -4.01 -17.78 -3.82
C LYS A 38 -2.59 -17.34 -4.24
N GLU A 39 -2.48 -16.29 -5.08
CA GLU A 39 -1.18 -15.76 -5.55
C GLU A 39 -0.45 -15.09 -4.39
N TRP A 40 -1.17 -14.21 -3.68
CA TRP A 40 -0.65 -13.53 -2.50
C TRP A 40 -0.43 -14.53 -1.35
N ALA A 41 -1.34 -15.52 -1.22
CA ALA A 41 -1.20 -16.60 -0.22
C ALA A 41 0.01 -17.52 -0.52
N ARG A 42 0.39 -17.60 -1.81
CA ARG A 42 1.62 -18.31 -2.26
C ARG A 42 2.87 -17.51 -1.85
N ARG A 43 2.77 -16.18 -1.98
CA ARG A 43 3.84 -15.23 -1.61
C ARG A 43 3.89 -14.99 -0.08
N GLY A 44 2.89 -15.52 0.65
CA GLY A 44 2.87 -15.51 2.13
C GLY A 44 2.24 -14.25 2.73
N TYR A 45 1.23 -13.71 2.04
CA TYR A 45 0.41 -12.57 2.50
C TYR A 45 -0.89 -13.12 3.11
N GLN A 46 -1.22 -12.68 4.34
CA GLN A 46 -2.42 -13.12 5.06
C GLN A 46 -3.66 -12.49 4.38
N VAL A 47 -4.43 -13.32 3.64
CA VAL A 47 -5.56 -12.85 2.80
C VAL A 47 -6.91 -13.34 3.37
N HIS A 48 -7.96 -12.54 3.13
CA HIS A 48 -9.36 -12.87 3.50
C HIS A 48 -10.25 -12.62 2.27
N VAL A 49 -10.76 -13.70 1.65
CA VAL A 49 -11.62 -13.60 0.46
C VAL A 49 -13.06 -13.28 0.89
N THR A 50 -13.68 -12.35 0.17
CA THR A 50 -15.00 -11.81 0.47
C THR A 50 -15.88 -11.98 -0.78
N GLN A 51 -16.68 -13.05 -0.79
CA GLN A 51 -17.54 -13.41 -1.93
C GLN A 51 -19.01 -13.03 -1.66
N ASN A 52 -19.22 -12.29 -0.56
CA ASN A 52 -20.55 -11.84 -0.12
C ASN A 52 -21.08 -10.77 -1.10
N GLY A 53 -21.97 -11.20 -2.01
CA GLY A 53 -22.62 -10.31 -2.96
C GLY A 53 -21.99 -10.38 -4.35
N THR A 54 -22.10 -9.27 -5.11
CA THR A 54 -21.65 -9.18 -6.52
C THR A 54 -20.23 -8.59 -6.62
N TYR A 55 -19.41 -8.80 -5.56
CA TYR A 55 -18.02 -8.35 -5.49
C TYR A 55 -17.17 -9.40 -4.72
N TRP A 56 -16.02 -9.74 -5.30
CA TRP A 56 -15.10 -10.77 -4.79
C TRP A 56 -13.78 -10.10 -4.39
N GLU A 57 -13.76 -9.59 -3.15
CA GLU A 57 -12.63 -8.83 -2.59
C GLU A 57 -11.60 -9.75 -1.92
N VAL A 58 -10.32 -9.38 -2.02
CA VAL A 58 -9.22 -10.06 -1.31
C VAL A 58 -8.56 -9.05 -0.36
N GLU A 59 -8.86 -9.19 0.95
CA GLU A 59 -8.31 -8.35 2.02
C GLU A 59 -6.90 -8.84 2.36
N VAL A 60 -5.89 -8.22 1.73
CA VAL A 60 -4.48 -8.60 1.89
C VAL A 60 -3.84 -7.79 3.03
N ARG A 61 -3.07 -8.48 3.88
CA ARG A 61 -2.27 -7.86 4.94
C ARG A 61 -1.09 -7.09 4.30
N MET A 1 -2.39 28.47 -46.77
CA MET A 1 -2.40 27.52 -45.64
C MET A 1 -1.27 26.49 -45.79
N GLY A 2 -0.61 26.15 -44.67
CA GLY A 2 0.53 25.25 -44.67
C GLY A 2 0.98 24.88 -43.27
N SER A 3 0.01 24.51 -42.41
CA SER A 3 0.28 24.08 -41.02
C SER A 3 0.94 22.68 -40.98
N SER A 4 2.27 22.67 -41.18
CA SER A 4 3.07 21.45 -41.19
C SER A 4 3.31 20.96 -39.75
N HIS A 5 3.18 19.64 -39.54
CA HIS A 5 3.33 19.05 -38.21
C HIS A 5 4.82 18.82 -37.90
N HIS A 6 5.41 19.77 -37.15
CA HIS A 6 6.79 19.70 -36.65
C HIS A 6 6.77 20.03 -35.15
N HIS A 7 7.43 19.19 -34.34
CA HIS A 7 7.38 19.26 -32.86
C HIS A 7 8.73 19.70 -32.30
N HIS A 8 8.70 20.42 -31.17
CA HIS A 8 9.91 20.86 -30.46
C HIS A 8 10.56 19.64 -29.78
N HIS A 9 11.80 19.30 -30.20
CA HIS A 9 12.51 18.11 -29.69
C HIS A 9 12.88 18.30 -28.21
N HIS A 10 11.99 17.79 -27.33
CA HIS A 10 12.14 17.88 -25.87
C HIS A 10 11.21 16.84 -25.21
N SER A 11 11.78 16.00 -24.32
CA SER A 11 11.04 14.98 -23.59
C SER A 11 11.50 14.96 -22.12
N SER A 12 10.58 15.34 -21.21
CA SER A 12 10.80 15.30 -19.75
C SER A 12 10.55 13.86 -19.23
N GLY A 13 10.84 13.61 -17.94
CA GLY A 13 10.74 12.28 -17.34
C GLY A 13 10.32 12.30 -15.89
N LEU A 14 9.01 12.37 -15.65
CA LEU A 14 8.42 12.23 -14.30
C LEU A 14 7.96 10.78 -14.09
N VAL A 15 7.68 10.41 -12.83
CA VAL A 15 7.14 9.10 -12.46
C VAL A 15 6.24 9.24 -11.20
N PRO A 16 4.88 9.15 -11.36
CA PRO A 16 3.94 9.23 -10.22
C PRO A 16 3.85 7.87 -9.48
N ARG A 17 4.85 7.61 -8.62
CA ARG A 17 4.90 6.43 -7.74
C ARG A 17 3.80 6.56 -6.66
N GLY A 18 2.61 6.02 -6.98
CA GLY A 18 1.44 6.12 -6.13
C GLY A 18 1.51 5.22 -4.92
N SER A 19 2.09 5.74 -3.82
CA SER A 19 2.17 5.05 -2.53
C SER A 19 0.74 4.84 -2.00
N HIS A 20 0.30 3.58 -1.97
CA HIS A 20 -1.09 3.20 -1.63
C HIS A 20 -1.11 2.38 -0.32
N MET A 21 -1.63 2.97 0.76
CA MET A 21 -1.81 2.28 2.05
C MET A 21 -3.14 1.49 2.04
N THR A 22 -3.24 0.47 2.92
CA THR A 22 -4.39 -0.45 3.02
C THR A 22 -4.50 -1.33 1.75
N THR A 23 -4.12 -2.61 1.88
CA THR A 23 -4.20 -3.58 0.79
C THR A 23 -5.56 -4.29 0.85
N ARG A 24 -6.53 -3.70 0.14
CA ARG A 24 -7.89 -4.19 0.02
C ARG A 24 -8.26 -4.15 -1.46
N TYR A 25 -8.10 -5.29 -2.12
CA TYR A 25 -8.28 -5.44 -3.57
C TYR A 25 -9.73 -5.77 -3.91
N ARG A 26 -10.19 -5.32 -5.08
CA ARG A 26 -11.59 -5.40 -5.51
C ARG A 26 -11.65 -6.12 -6.87
N PHE A 27 -12.42 -7.20 -6.93
CA PHE A 27 -12.67 -7.98 -8.15
C PHE A 27 -14.18 -8.13 -8.35
N THR A 28 -14.60 -8.24 -9.61
CA THR A 28 -16.00 -8.50 -9.99
C THR A 28 -16.16 -9.98 -10.39
N ASP A 29 -15.03 -10.68 -10.62
CA ASP A 29 -15.00 -12.06 -11.13
C ASP A 29 -14.39 -13.02 -10.09
N GLU A 30 -14.87 -14.28 -10.11
CA GLU A 30 -14.45 -15.34 -9.17
C GLU A 30 -13.03 -15.82 -9.44
N GLU A 31 -12.68 -16.03 -10.73
CA GLU A 31 -11.39 -16.61 -11.17
C GLU A 31 -10.26 -15.61 -10.97
N GLU A 32 -10.59 -14.31 -11.11
CA GLU A 32 -9.66 -13.19 -10.88
C GLU A 32 -9.31 -13.07 -9.38
N ALA A 33 -10.35 -13.16 -8.54
CA ALA A 33 -10.20 -13.11 -7.07
C ALA A 33 -9.44 -14.35 -6.55
N ARG A 34 -9.76 -15.51 -7.14
CA ARG A 34 -9.24 -16.83 -6.74
C ARG A 34 -7.75 -16.96 -7.08
N ARG A 35 -7.41 -16.57 -8.33
CA ARG A 35 -6.03 -16.62 -8.85
C ARG A 35 -5.11 -15.66 -8.07
N ALA A 36 -5.58 -14.40 -7.94
CA ALA A 36 -4.82 -13.32 -7.29
C ALA A 36 -4.56 -13.63 -5.81
N ALA A 37 -5.63 -14.03 -5.09
CA ALA A 37 -5.55 -14.41 -3.66
C ALA A 37 -4.61 -15.61 -3.45
N LYS A 38 -4.57 -16.49 -4.46
CA LYS A 38 -3.70 -17.67 -4.45
C LYS A 38 -2.21 -17.27 -4.62
N GLU A 39 -1.94 -16.20 -5.42
CA GLU A 39 -0.56 -15.68 -5.64
C GLU A 39 0.04 -15.16 -4.33
N TRP A 40 -0.75 -14.36 -3.61
CA TRP A 40 -0.34 -13.75 -2.34
C TRP A 40 -0.22 -14.83 -1.25
N ALA A 41 -1.20 -15.76 -1.22
CA ALA A 41 -1.20 -16.90 -0.26
C ALA A 41 0.02 -17.82 -0.49
N ARG A 42 0.42 -17.95 -1.77
CA ARG A 42 1.58 -18.75 -2.19
C ARG A 42 2.89 -18.12 -1.66
N ARG A 43 2.89 -16.78 -1.61
CA ARG A 43 4.04 -15.99 -1.10
C ARG A 43 3.97 -15.77 0.43
N GLY A 44 2.94 -16.35 1.09
CA GLY A 44 2.86 -16.35 2.56
C GLY A 44 2.01 -15.23 3.16
N TYR A 45 1.40 -14.40 2.29
CA TYR A 45 0.49 -13.32 2.72
C TYR A 45 -0.89 -13.90 3.07
N GLN A 46 -1.44 -13.45 4.21
CA GLN A 46 -2.79 -13.80 4.66
C GLN A 46 -3.81 -13.13 3.74
N VAL A 47 -4.63 -13.93 3.04
CA VAL A 47 -5.67 -13.42 2.15
C VAL A 47 -7.05 -13.73 2.73
N HIS A 48 -7.85 -12.67 2.89
CA HIS A 48 -9.22 -12.73 3.36
C HIS A 48 -10.13 -12.36 2.18
N VAL A 49 -10.79 -13.36 1.59
CA VAL A 49 -11.78 -13.14 0.53
C VAL A 49 -13.15 -12.93 1.20
N THR A 50 -13.85 -11.87 0.80
CA THR A 50 -15.17 -11.50 1.33
C THR A 50 -16.25 -12.42 0.74
N GLN A 51 -17.40 -12.52 1.43
CA GLN A 51 -18.59 -13.26 0.97
C GLN A 51 -19.05 -12.80 -0.43
N ASN A 52 -19.73 -13.70 -1.15
CA ASN A 52 -20.22 -13.44 -2.51
C ASN A 52 -21.44 -12.50 -2.51
N GLY A 53 -21.68 -11.88 -3.67
CA GLY A 53 -22.78 -10.95 -3.84
C GLY A 53 -22.47 -9.95 -4.96
N THR A 54 -22.07 -10.49 -6.14
CA THR A 54 -21.72 -9.71 -7.36
C THR A 54 -20.43 -8.87 -7.11
N TYR A 55 -19.67 -9.26 -6.07
CA TYR A 55 -18.51 -8.51 -5.58
C TYR A 55 -17.54 -9.46 -4.84
N TRP A 56 -16.24 -9.33 -5.12
CA TRP A 56 -15.17 -10.18 -4.56
C TRP A 56 -14.04 -9.29 -4.00
N GLU A 57 -14.19 -8.87 -2.75
CA GLU A 57 -13.21 -8.00 -2.07
C GLU A 57 -12.20 -8.88 -1.29
N VAL A 58 -10.93 -8.86 -1.70
CA VAL A 58 -9.86 -9.63 -1.05
C VAL A 58 -8.92 -8.69 -0.26
N GLU A 59 -9.08 -8.66 1.07
CA GLU A 59 -8.17 -7.92 1.98
C GLU A 59 -6.93 -8.77 2.28
N VAL A 60 -5.75 -8.26 1.91
CA VAL A 60 -4.48 -8.97 2.10
C VAL A 60 -3.74 -8.40 3.33
N ARG A 61 -2.94 -9.26 3.95
CA ARG A 61 -2.13 -8.92 5.13
C ARG A 61 -0.70 -9.44 4.88
N MET A 1 41.87 46.61 11.93
CA MET A 1 40.84 45.56 11.92
C MET A 1 41.40 44.30 11.24
N GLY A 2 40.98 43.12 11.72
CA GLY A 2 41.42 41.83 11.18
C GLY A 2 40.58 40.69 11.73
N SER A 3 39.58 40.25 10.95
CA SER A 3 38.64 39.20 11.36
C SER A 3 39.09 37.82 10.83
N SER A 4 39.29 36.87 11.77
CA SER A 4 39.50 35.45 11.47
C SER A 4 38.14 34.75 11.27
N HIS A 5 38.16 33.47 10.85
CA HIS A 5 36.95 32.70 10.51
C HIS A 5 36.85 31.43 11.39
N HIS A 6 35.63 31.17 11.88
CA HIS A 6 35.29 29.96 12.64
C HIS A 6 34.02 29.35 12.04
N HIS A 7 33.90 28.02 12.08
CA HIS A 7 32.71 27.29 11.63
C HIS A 7 32.32 26.22 12.66
N HIS A 8 31.08 25.73 12.57
CA HIS A 8 30.60 24.63 13.39
C HIS A 8 30.40 23.42 12.46
N HIS A 9 29.17 23.22 11.93
CA HIS A 9 28.80 22.13 11.00
C HIS A 9 27.48 22.51 10.30
N HIS A 10 26.84 21.52 9.68
CA HIS A 10 25.49 21.65 9.08
C HIS A 10 24.72 20.32 9.24
N SER A 11 23.38 20.40 9.19
CA SER A 11 22.50 19.24 9.35
C SER A 11 22.61 18.32 8.11
N SER A 12 22.68 17.01 8.37
CA SER A 12 22.80 15.97 7.33
C SER A 12 21.41 15.65 6.74
N GLY A 13 21.29 15.78 5.40
CA GLY A 13 20.04 15.49 4.68
C GLY A 13 19.83 13.98 4.53
N LEU A 14 19.31 13.36 5.61
CA LEU A 14 19.15 11.90 5.72
C LEU A 14 18.09 11.39 4.72
N VAL A 15 17.00 12.19 4.56
CA VAL A 15 15.88 11.89 3.63
C VAL A 15 15.08 10.64 4.09
N PRO A 16 14.04 10.83 4.99
CA PRO A 16 13.14 9.74 5.45
C PRO A 16 12.06 9.39 4.39
N ARG A 17 11.48 8.18 4.51
CA ARG A 17 10.49 7.62 3.57
C ARG A 17 9.28 7.05 4.33
N GLY A 18 8.12 6.98 3.66
CA GLY A 18 6.87 6.48 4.24
C GLY A 18 6.22 5.44 3.34
N SER A 19 6.50 4.15 3.61
CA SER A 19 5.95 3.02 2.82
C SER A 19 4.47 2.75 3.17
N HIS A 20 3.77 2.06 2.26
CA HIS A 20 2.31 1.84 2.32
C HIS A 20 2.01 0.38 2.72
N MET A 21 0.85 0.16 3.36
CA MET A 21 0.38 -1.19 3.79
C MET A 21 -1.16 -1.19 3.91
N THR A 22 -1.73 -2.40 4.12
CA THR A 22 -3.18 -2.63 4.33
C THR A 22 -4.00 -2.19 3.09
N THR A 23 -4.15 -3.12 2.13
CA THR A 23 -4.78 -2.86 0.84
C THR A 23 -5.66 -4.05 0.43
N ARG A 24 -6.87 -3.77 -0.05
CA ARG A 24 -7.84 -4.80 -0.46
C ARG A 24 -8.35 -4.50 -1.88
N TYR A 25 -8.12 -5.46 -2.79
CA TYR A 25 -8.47 -5.35 -4.22
C TYR A 25 -9.83 -6.02 -4.45
N ARG A 26 -10.79 -5.27 -5.00
CA ARG A 26 -12.12 -5.80 -5.34
C ARG A 26 -12.09 -6.35 -6.77
N PHE A 27 -12.59 -7.58 -6.95
CA PHE A 27 -12.65 -8.27 -8.25
C PHE A 27 -14.10 -8.51 -8.64
N THR A 28 -14.38 -8.43 -9.94
CA THR A 28 -15.73 -8.61 -10.50
C THR A 28 -15.98 -10.08 -10.85
N ASP A 29 -14.89 -10.82 -11.14
CA ASP A 29 -14.96 -12.26 -11.50
C ASP A 29 -14.40 -13.12 -10.35
N GLU A 30 -15.05 -14.27 -10.11
CA GLU A 30 -14.63 -15.22 -9.07
C GLU A 30 -13.25 -15.83 -9.38
N GLU A 31 -12.96 -16.03 -10.69
CA GLU A 31 -11.69 -16.61 -11.17
C GLU A 31 -10.49 -15.71 -10.78
N GLU A 32 -10.66 -14.39 -11.02
CA GLU A 32 -9.60 -13.38 -10.81
C GLU A 32 -9.36 -13.14 -9.30
N ALA A 33 -10.45 -13.26 -8.52
CA ALA A 33 -10.41 -13.12 -7.06
C ALA A 33 -9.64 -14.30 -6.41
N ARG A 34 -10.04 -15.52 -6.79
CA ARG A 34 -9.40 -16.79 -6.35
C ARG A 34 -7.91 -16.82 -6.78
N ARG A 35 -7.66 -16.30 -8.00
CA ARG A 35 -6.33 -16.22 -8.61
C ARG A 35 -5.39 -15.42 -7.71
N ALA A 36 -5.81 -14.17 -7.43
CA ALA A 36 -5.05 -13.23 -6.60
C ALA A 36 -4.83 -13.80 -5.20
N ALA A 37 -5.92 -14.27 -4.56
CA ALA A 37 -5.92 -14.81 -3.19
C ALA A 37 -4.88 -15.93 -2.99
N LYS A 38 -4.76 -16.80 -4.03
CA LYS A 38 -3.84 -17.95 -4.02
C LYS A 38 -2.38 -17.51 -4.25
N GLU A 39 -2.19 -16.51 -5.12
CA GLU A 39 -0.85 -15.97 -5.45
C GLU A 39 -0.27 -15.18 -4.28
N TRP A 40 -1.13 -14.41 -3.58
CA TRP A 40 -0.76 -13.66 -2.36
C TRP A 40 -0.39 -14.65 -1.25
N ALA A 41 -1.18 -15.73 -1.13
CA ALA A 41 -0.92 -16.84 -0.17
C ALA A 41 0.47 -17.49 -0.43
N ARG A 42 0.81 -17.60 -1.73
CA ARG A 42 2.11 -18.12 -2.20
C ARG A 42 3.26 -17.14 -1.83
N ARG A 43 2.97 -15.83 -1.88
CA ARG A 43 3.92 -14.75 -1.49
C ARG A 43 4.03 -14.60 0.05
N GLY A 44 3.14 -15.31 0.77
CA GLY A 44 3.17 -15.36 2.25
C GLY A 44 2.25 -14.33 2.88
N TYR A 45 1.10 -14.11 2.23
CA TYR A 45 0.05 -13.18 2.70
C TYR A 45 -1.23 -13.94 3.03
N GLN A 46 -1.64 -13.86 4.30
CA GLN A 46 -2.91 -14.41 4.78
C GLN A 46 -3.99 -13.38 4.48
N VAL A 47 -4.85 -13.72 3.52
CA VAL A 47 -5.82 -12.79 2.93
C VAL A 47 -7.24 -13.15 3.36
N HIS A 48 -8.10 -12.12 3.46
CA HIS A 48 -9.51 -12.27 3.81
C HIS A 48 -10.33 -12.05 2.54
N VAL A 49 -10.87 -13.15 1.99
CA VAL A 49 -11.76 -13.09 0.83
C VAL A 49 -13.21 -12.82 1.30
N THR A 50 -13.75 -11.70 0.79
CA THR A 50 -15.16 -11.36 0.95
C THR A 50 -15.97 -12.24 -0.02
N GLN A 51 -16.93 -12.99 0.54
CA GLN A 51 -17.68 -14.03 -0.18
C GLN A 51 -18.61 -13.47 -1.28
N ASN A 52 -19.49 -14.35 -1.82
CA ASN A 52 -20.42 -14.02 -2.91
C ASN A 52 -21.27 -12.77 -2.59
N GLY A 53 -21.30 -11.83 -3.54
CA GLY A 53 -21.99 -10.56 -3.39
C GLY A 53 -22.06 -9.84 -4.71
N THR A 54 -21.92 -8.50 -4.68
CA THR A 54 -21.84 -7.66 -5.88
C THR A 54 -20.45 -7.84 -6.53
N TYR A 55 -19.42 -7.91 -5.66
CA TYR A 55 -18.02 -8.14 -6.05
C TYR A 55 -17.36 -9.08 -5.03
N TRP A 56 -16.38 -9.87 -5.50
CA TRP A 56 -15.59 -10.76 -4.64
C TRP A 56 -14.25 -10.06 -4.34
N GLU A 57 -14.11 -9.58 -3.12
CA GLU A 57 -12.94 -8.79 -2.69
C GLU A 57 -11.86 -9.71 -2.06
N VAL A 58 -10.58 -9.38 -2.29
CA VAL A 58 -9.42 -10.05 -1.70
C VAL A 58 -8.63 -9.02 -0.86
N GLU A 59 -8.77 -9.13 0.47
CA GLU A 59 -8.13 -8.24 1.42
C GLU A 59 -6.74 -8.77 1.78
N VAL A 60 -5.70 -8.13 1.22
CA VAL A 60 -4.31 -8.49 1.48
C VAL A 60 -3.87 -7.86 2.81
N ARG A 61 -3.46 -8.70 3.76
CA ARG A 61 -2.94 -8.25 5.05
C ARG A 61 -1.42 -7.99 4.92
N MET A 1 28.32 47.17 -7.95
CA MET A 1 29.37 46.46 -8.72
C MET A 1 30.63 46.31 -7.86
N GLY A 2 31.22 45.11 -7.89
CA GLY A 2 32.35 44.77 -7.03
C GLY A 2 31.87 44.12 -5.74
N SER A 3 31.38 42.89 -5.86
CA SER A 3 30.88 42.07 -4.74
C SER A 3 31.98 41.11 -4.25
N SER A 4 31.65 40.28 -3.24
CA SER A 4 32.54 39.22 -2.72
C SER A 4 31.75 37.91 -2.53
N HIS A 5 32.46 36.78 -2.50
CA HIS A 5 31.87 35.46 -2.31
C HIS A 5 31.78 35.15 -0.81
N HIS A 6 30.60 35.39 -0.21
CA HIS A 6 30.30 35.00 1.17
C HIS A 6 30.22 33.45 1.23
N HIS A 7 31.32 32.81 1.66
CA HIS A 7 31.35 31.36 1.92
C HIS A 7 30.44 31.04 3.11
N HIS A 8 29.62 30.00 2.97
CA HIS A 8 28.66 29.58 4.00
C HIS A 8 28.29 28.10 3.82
N HIS A 9 28.00 27.45 4.94
CA HIS A 9 27.45 26.09 4.97
C HIS A 9 25.90 26.20 5.01
N HIS A 10 25.21 25.09 4.74
CA HIS A 10 23.73 25.02 4.76
C HIS A 10 23.25 24.05 5.86
N SER A 11 22.33 24.54 6.73
CA SER A 11 21.68 23.74 7.79
C SER A 11 20.42 23.11 7.19
N SER A 12 20.53 21.83 6.85
CA SER A 12 19.44 21.06 6.23
C SER A 12 19.00 19.95 7.20
N GLY A 13 17.72 20.00 7.61
CA GLY A 13 17.13 18.97 8.47
C GLY A 13 16.86 17.68 7.71
N LEU A 14 17.22 16.52 8.29
CA LEU A 14 17.02 15.21 7.66
C LEU A 14 15.51 14.89 7.64
N VAL A 15 15.03 14.37 6.50
CA VAL A 15 13.60 14.10 6.29
C VAL A 15 13.20 12.73 6.92
N PRO A 16 11.92 12.60 7.41
CA PRO A 16 11.39 11.32 7.92
C PRO A 16 10.99 10.35 6.78
N ARG A 17 10.56 9.15 7.17
CA ARG A 17 10.17 8.08 6.25
C ARG A 17 9.27 7.07 6.99
N GLY A 18 8.34 6.45 6.25
CA GLY A 18 7.38 5.50 6.82
C GLY A 18 7.47 4.13 6.17
N SER A 19 6.38 3.71 5.51
CA SER A 19 6.27 2.39 4.86
C SER A 19 5.07 2.42 3.87
N HIS A 20 4.80 1.28 3.20
CA HIS A 20 3.69 1.12 2.25
C HIS A 20 3.00 -0.22 2.52
N MET A 21 1.73 -0.18 2.98
CA MET A 21 0.95 -1.40 3.32
C MET A 21 -0.49 -1.27 2.78
N THR A 22 -1.39 -2.21 3.19
CA THR A 22 -2.83 -2.18 2.89
C THR A 22 -3.12 -2.25 1.37
N THR A 23 -3.16 -3.47 0.83
CA THR A 23 -3.47 -3.74 -0.58
C THR A 23 -4.84 -4.43 -0.68
N ARG A 24 -5.89 -3.63 -0.92
CA ARG A 24 -7.28 -4.10 -1.03
C ARG A 24 -7.68 -4.24 -2.51
N TYR A 25 -7.73 -5.48 -3.00
CA TYR A 25 -8.15 -5.80 -4.38
C TYR A 25 -9.64 -6.10 -4.37
N ARG A 26 -10.33 -5.83 -5.48
CA ARG A 26 -11.76 -6.11 -5.62
C ARG A 26 -12.11 -6.34 -7.09
N PHE A 27 -12.77 -7.48 -7.35
CA PHE A 27 -13.17 -7.92 -8.69
C PHE A 27 -14.67 -8.23 -8.71
N THR A 28 -15.21 -8.38 -9.91
CA THR A 28 -16.58 -8.89 -10.13
C THR A 28 -16.51 -10.32 -10.68
N ASP A 29 -15.33 -10.94 -10.47
CA ASP A 29 -14.91 -12.21 -11.10
C ASP A 29 -14.33 -13.13 -10.02
N GLU A 30 -14.94 -14.31 -9.86
CA GLU A 30 -14.62 -15.28 -8.79
C GLU A 30 -13.19 -15.83 -8.91
N GLU A 31 -12.76 -16.10 -10.16
CA GLU A 31 -11.42 -16.63 -10.46
C GLU A 31 -10.38 -15.53 -10.33
N GLU A 32 -10.61 -14.36 -10.97
CA GLU A 32 -9.64 -13.24 -10.95
C GLU A 32 -9.34 -12.75 -9.51
N ALA A 33 -10.36 -12.88 -8.64
CA ALA A 33 -10.20 -12.68 -7.19
C ALA A 33 -9.24 -13.72 -6.59
N ARG A 34 -9.51 -14.99 -6.92
CA ARG A 34 -8.76 -16.15 -6.41
C ARG A 34 -7.31 -16.19 -6.97
N ARG A 35 -7.07 -15.63 -8.18
CA ARG A 35 -5.73 -15.64 -8.83
C ARG A 35 -4.80 -14.65 -8.10
N ALA A 36 -5.34 -13.45 -7.85
CA ALA A 36 -4.65 -12.39 -7.08
C ALA A 36 -4.37 -12.90 -5.65
N ALA A 37 -5.42 -13.47 -5.04
CA ALA A 37 -5.37 -14.01 -3.67
C ALA A 37 -4.36 -15.18 -3.54
N LYS A 38 -4.28 -16.01 -4.60
CA LYS A 38 -3.41 -17.22 -4.63
C LYS A 38 -1.93 -16.82 -4.59
N GLU A 39 -1.63 -15.72 -5.30
CA GLU A 39 -0.28 -15.13 -5.38
C GLU A 39 0.23 -14.76 -3.97
N TRP A 40 -0.60 -13.98 -3.25
CA TRP A 40 -0.26 -13.44 -1.93
C TRP A 40 -0.27 -14.56 -0.86
N ALA A 41 -1.19 -15.53 -1.02
CA ALA A 41 -1.32 -16.70 -0.13
C ALA A 41 -0.04 -17.54 -0.14
N ARG A 42 0.52 -17.73 -1.35
CA ARG A 42 1.79 -18.45 -1.57
C ARG A 42 2.97 -17.71 -0.91
N ARG A 43 2.93 -16.36 -0.99
CA ARG A 43 3.97 -15.48 -0.44
C ARG A 43 3.91 -15.37 1.10
N GLY A 44 2.81 -15.87 1.70
CA GLY A 44 2.68 -15.94 3.16
C GLY A 44 1.68 -14.94 3.74
N TYR A 45 1.04 -14.16 2.86
CA TYR A 45 -0.05 -13.25 3.26
C TYR A 45 -1.34 -14.03 3.49
N GLN A 46 -2.08 -13.64 4.54
CA GLN A 46 -3.37 -14.24 4.88
C GLN A 46 -4.45 -13.53 4.06
N VAL A 47 -5.02 -14.24 3.09
CA VAL A 47 -5.98 -13.64 2.14
C VAL A 47 -7.38 -14.18 2.44
N HIS A 48 -8.38 -13.35 2.15
CA HIS A 48 -9.79 -13.66 2.33
C HIS A 48 -10.62 -12.79 1.39
N VAL A 49 -11.35 -13.44 0.49
CA VAL A 49 -12.31 -12.79 -0.40
C VAL A 49 -13.67 -12.71 0.31
N THR A 50 -14.33 -11.52 0.26
CA THR A 50 -15.70 -11.37 0.76
C THR A 50 -16.66 -11.99 -0.28
N GLN A 51 -17.32 -13.07 0.14
CA GLN A 51 -18.26 -13.85 -0.67
C GLN A 51 -19.69 -13.39 -0.36
N ASN A 52 -20.70 -14.20 -0.78
CA ASN A 52 -22.15 -13.94 -0.57
C ASN A 52 -22.67 -12.82 -1.49
N GLY A 53 -22.10 -11.61 -1.35
CA GLY A 53 -22.33 -10.51 -2.28
C GLY A 53 -21.58 -10.70 -3.61
N THR A 54 -21.91 -9.88 -4.61
CA THR A 54 -21.40 -10.01 -5.99
C THR A 54 -20.05 -9.29 -6.21
N TYR A 55 -19.46 -8.73 -5.12
CA TYR A 55 -18.20 -7.95 -5.18
C TYR A 55 -17.09 -8.75 -4.49
N TRP A 56 -16.29 -9.48 -5.28
CA TRP A 56 -15.23 -10.36 -4.77
C TRP A 56 -13.98 -9.54 -4.36
N GLU A 57 -14.02 -8.96 -3.15
CA GLU A 57 -12.91 -8.14 -2.61
C GLU A 57 -11.88 -9.02 -1.87
N VAL A 58 -10.65 -9.01 -2.37
CA VAL A 58 -9.51 -9.73 -1.77
C VAL A 58 -8.83 -8.87 -0.70
N GLU A 59 -9.07 -9.23 0.56
CA GLU A 59 -8.42 -8.62 1.73
C GLU A 59 -7.08 -9.33 1.99
N VAL A 60 -5.97 -8.62 1.77
CA VAL A 60 -4.61 -9.18 1.93
C VAL A 60 -3.99 -8.69 3.25
N ARG A 61 -4.01 -9.59 4.24
CA ARG A 61 -3.43 -9.36 5.58
C ARG A 61 -1.91 -9.66 5.55
N MET A 1 34.90 33.13 45.58
CA MET A 1 35.14 32.12 44.54
C MET A 1 34.05 31.04 44.61
N GLY A 2 33.44 30.72 43.45
CA GLY A 2 32.40 29.71 43.38
C GLY A 2 32.47 28.98 42.04
N SER A 3 33.26 27.89 42.02
CA SER A 3 33.43 27.04 40.82
C SER A 3 32.25 26.06 40.72
N SER A 4 31.76 25.83 39.49
CA SER A 4 30.61 24.95 39.21
C SER A 4 30.99 23.86 38.20
N HIS A 5 30.72 22.59 38.56
CA HIS A 5 30.84 21.44 37.64
C HIS A 5 29.63 21.43 36.70
N HIS A 6 29.85 20.99 35.44
CA HIS A 6 28.81 21.00 34.39
C HIS A 6 29.10 19.89 33.35
N HIS A 7 28.31 18.80 33.44
CA HIS A 7 28.42 17.64 32.55
C HIS A 7 27.41 17.78 31.41
N HIS A 8 27.88 17.76 30.15
CA HIS A 8 27.00 17.84 28.97
C HIS A 8 26.19 16.53 28.84
N HIS A 9 24.93 16.58 29.30
CA HIS A 9 23.98 15.47 29.21
C HIS A 9 23.09 15.64 27.96
N HIS A 10 22.96 14.56 27.17
CA HIS A 10 22.06 14.52 25.99
C HIS A 10 20.97 13.47 26.24
N SER A 11 19.81 13.64 25.57
CA SER A 11 18.66 12.75 25.71
C SER A 11 17.74 12.89 24.48
N SER A 12 17.36 11.75 23.88
CA SER A 12 16.54 11.72 22.65
C SER A 12 15.84 10.35 22.49
N GLY A 13 14.82 10.30 21.60
CA GLY A 13 14.05 9.07 21.35
C GLY A 13 13.70 8.85 19.88
N LEU A 14 13.14 7.67 19.56
CA LEU A 14 12.80 7.29 18.17
C LEU A 14 11.30 7.51 17.90
N VAL A 15 10.91 7.52 16.60
CA VAL A 15 9.52 7.70 16.17
C VAL A 15 8.76 6.33 16.14
N PRO A 16 7.45 6.28 16.55
CA PRO A 16 6.63 5.05 16.46
C PRO A 16 6.20 4.75 15.00
N ARG A 17 6.39 3.51 14.54
CA ARG A 17 6.01 3.10 13.19
C ARG A 17 4.63 2.42 13.21
N GLY A 18 3.65 3.06 12.54
CA GLY A 18 2.30 2.50 12.37
C GLY A 18 2.20 1.53 11.21
N SER A 19 1.17 0.66 11.23
CA SER A 19 0.92 -0.34 10.18
C SER A 19 -0.11 0.19 9.16
N HIS A 20 0.30 1.25 8.45
CA HIS A 20 -0.54 1.91 7.43
C HIS A 20 -0.44 1.11 6.11
N MET A 21 -1.26 0.05 6.00
CA MET A 21 -1.29 -0.87 4.85
C MET A 21 -2.59 -0.68 4.04
N THR A 22 -3.71 -1.24 4.57
CA THR A 22 -5.07 -1.15 3.96
C THR A 22 -5.08 -1.63 2.49
N THR A 23 -5.21 -2.95 2.28
CA THR A 23 -5.24 -3.56 0.95
C THR A 23 -6.62 -4.22 0.72
N ARG A 24 -7.31 -3.74 -0.32
CA ARG A 24 -8.61 -4.24 -0.76
C ARG A 24 -8.67 -4.18 -2.30
N TYR A 25 -8.13 -5.22 -2.94
CA TYR A 25 -8.09 -5.32 -4.41
C TYR A 25 -9.45 -5.88 -4.88
N ARG A 26 -10.27 -5.05 -5.55
CA ARG A 26 -11.64 -5.45 -5.94
C ARG A 26 -11.64 -6.15 -7.30
N PHE A 27 -12.39 -7.25 -7.37
CA PHE A 27 -12.54 -8.08 -8.58
C PHE A 27 -14.04 -8.31 -8.85
N THR A 28 -14.43 -8.11 -10.12
CA THR A 28 -15.79 -8.38 -10.59
C THR A 28 -15.95 -9.87 -10.95
N ASP A 29 -14.84 -10.46 -11.40
CA ASP A 29 -14.75 -11.88 -11.77
C ASP A 29 -14.37 -12.67 -10.51
N GLU A 30 -15.17 -13.72 -10.20
CA GLU A 30 -14.91 -14.62 -9.07
C GLU A 30 -13.54 -15.33 -9.21
N GLU A 31 -13.19 -15.63 -10.49
CA GLU A 31 -11.98 -16.38 -10.86
C GLU A 31 -10.72 -15.55 -10.59
N GLU A 32 -10.76 -14.25 -10.96
CA GLU A 32 -9.64 -13.31 -10.72
C GLU A 32 -9.41 -13.11 -9.21
N ALA A 33 -10.51 -13.14 -8.43
CA ALA A 33 -10.46 -12.98 -6.96
C ALA A 33 -9.74 -14.17 -6.29
N ARG A 34 -10.23 -15.39 -6.58
CA ARG A 34 -9.74 -16.64 -5.97
C ARG A 34 -8.35 -17.05 -6.49
N ARG A 35 -7.98 -16.54 -7.69
CA ARG A 35 -6.64 -16.77 -8.26
C ARG A 35 -5.61 -15.85 -7.58
N ALA A 36 -5.90 -14.52 -7.59
CA ALA A 36 -5.01 -13.48 -7.01
C ALA A 36 -4.72 -13.74 -5.52
N ALA A 37 -5.79 -14.12 -4.80
CA ALA A 37 -5.70 -14.49 -3.38
C ALA A 37 -4.72 -15.65 -3.16
N LYS A 38 -4.79 -16.64 -4.06
CA LYS A 38 -3.97 -17.86 -4.00
C LYS A 38 -2.50 -17.56 -4.43
N GLU A 39 -2.30 -16.44 -5.17
CA GLU A 39 -0.95 -15.97 -5.57
C GLU A 39 -0.24 -15.34 -4.36
N TRP A 40 -0.95 -14.46 -3.63
CA TRP A 40 -0.44 -13.85 -2.38
C TRP A 40 -0.28 -14.92 -1.28
N ALA A 41 -1.21 -15.91 -1.26
CA ALA A 41 -1.16 -17.06 -0.34
C ALA A 41 0.06 -17.95 -0.62
N ARG A 42 0.44 -18.03 -1.92
CA ARG A 42 1.64 -18.75 -2.36
C ARG A 42 2.92 -18.02 -1.86
N ARG A 43 2.79 -16.70 -1.62
CA ARG A 43 3.89 -15.84 -1.14
C ARG A 43 3.87 -15.70 0.41
N GLY A 44 2.88 -16.35 1.04
CA GLY A 44 2.78 -16.39 2.52
C GLY A 44 1.91 -15.26 3.12
N TYR A 45 1.43 -14.35 2.26
CA TYR A 45 0.55 -13.23 2.69
C TYR A 45 -0.83 -13.75 3.11
N GLN A 46 -1.32 -13.26 4.26
CA GLN A 46 -2.63 -13.63 4.82
C GLN A 46 -3.74 -12.95 4.02
N VAL A 47 -4.50 -13.73 3.23
CA VAL A 47 -5.54 -13.19 2.34
C VAL A 47 -6.93 -13.58 2.84
N HIS A 48 -7.89 -12.67 2.61
CA HIS A 48 -9.29 -12.82 3.04
C HIS A 48 -10.19 -12.40 1.87
N VAL A 49 -10.79 -13.38 1.19
CA VAL A 49 -11.72 -13.14 0.07
C VAL A 49 -13.14 -12.94 0.62
N THR A 50 -13.76 -11.79 0.28
CA THR A 50 -15.13 -11.49 0.72
C THR A 50 -16.14 -12.26 -0.16
N GLN A 51 -16.66 -13.38 0.38
CA GLN A 51 -17.54 -14.32 -0.34
C GLN A 51 -19.04 -14.00 -0.08
N ASN A 52 -19.32 -12.71 0.16
CA ASN A 52 -20.69 -12.22 0.42
C ASN A 52 -21.33 -11.69 -0.89
N GLY A 53 -20.95 -12.32 -2.02
CA GLY A 53 -21.36 -11.90 -3.36
C GLY A 53 -20.24 -12.17 -4.36
N THR A 54 -20.43 -11.70 -5.60
CA THR A 54 -19.44 -11.89 -6.68
C THR A 54 -18.47 -10.69 -6.78
N TYR A 55 -19.06 -9.48 -6.77
CA TYR A 55 -18.31 -8.21 -6.94
C TYR A 55 -17.82 -7.74 -5.56
N TRP A 56 -16.59 -8.12 -5.19
CA TRP A 56 -16.00 -7.87 -3.85
C TRP A 56 -14.47 -7.89 -3.90
N GLU A 57 -13.86 -7.42 -2.79
CA GLU A 57 -12.41 -7.24 -2.68
C GLU A 57 -11.74 -8.45 -1.99
N VAL A 58 -10.47 -8.66 -2.36
CA VAL A 58 -9.53 -9.55 -1.68
C VAL A 58 -8.63 -8.68 -0.77
N GLU A 59 -8.71 -8.94 0.52
CA GLU A 59 -7.95 -8.24 1.55
C GLU A 59 -6.64 -8.99 1.82
N VAL A 60 -5.55 -8.24 2.12
CA VAL A 60 -4.27 -8.82 2.58
C VAL A 60 -3.89 -8.18 3.95
N ARG A 61 -3.33 -9.00 4.87
CA ARG A 61 -2.96 -8.57 6.24
C ARG A 61 -1.50 -9.00 6.51
N MET A 1 40.55 49.65 -11.05
CA MET A 1 39.38 49.35 -11.90
C MET A 1 39.19 47.82 -12.02
N GLY A 2 37.96 47.36 -11.79
CA GLY A 2 37.61 45.93 -11.84
C GLY A 2 36.23 45.70 -11.27
N SER A 3 36.19 45.23 -10.00
CA SER A 3 34.96 44.97 -9.20
C SER A 3 33.85 44.24 -10.01
N SER A 4 33.92 42.91 -10.06
CA SER A 4 32.92 42.08 -10.75
C SER A 4 32.30 41.09 -9.75
N HIS A 5 31.03 41.33 -9.38
CA HIS A 5 30.31 40.47 -8.43
C HIS A 5 30.05 39.08 -9.06
N HIS A 6 30.91 38.10 -8.73
CA HIS A 6 30.79 36.72 -9.23
C HIS A 6 29.68 35.98 -8.46
N HIS A 7 28.95 35.11 -9.18
CA HIS A 7 27.78 34.37 -8.64
C HIS A 7 28.18 33.45 -7.46
N HIS A 8 27.28 33.35 -6.48
CA HIS A 8 27.46 32.48 -5.29
C HIS A 8 26.64 31.20 -5.50
N HIS A 9 27.22 30.03 -5.13
CA HIS A 9 26.58 28.71 -5.34
C HIS A 9 25.37 28.53 -4.40
N HIS A 10 24.42 27.72 -4.86
CA HIS A 10 23.20 27.38 -4.12
C HIS A 10 23.35 26.00 -3.47
N SER A 11 22.25 25.49 -2.89
CA SER A 11 22.16 24.14 -2.31
C SER A 11 20.85 23.49 -2.75
N SER A 12 20.71 22.19 -2.49
CA SER A 12 19.50 21.42 -2.78
C SER A 12 19.01 20.72 -1.50
N GLY A 13 17.83 20.09 -1.57
CA GLY A 13 17.24 19.41 -0.43
C GLY A 13 15.97 18.68 -0.85
N LEU A 14 15.98 17.33 -0.74
CA LEU A 14 14.84 16.49 -1.16
C LEU A 14 13.75 16.47 -0.10
N VAL A 15 12.48 16.52 -0.55
CA VAL A 15 11.31 16.50 0.36
C VAL A 15 10.94 15.03 0.71
N PRO A 16 10.79 14.70 2.03
CA PRO A 16 10.30 13.36 2.49
C PRO A 16 8.81 13.16 2.17
N ARG A 17 8.47 12.02 1.54
CA ARG A 17 7.07 11.70 1.14
C ARG A 17 6.50 10.58 2.03
N GLY A 18 5.31 10.05 1.67
CA GLY A 18 4.62 9.00 2.44
C GLY A 18 4.16 7.82 1.59
N SER A 19 3.53 6.82 2.25
CA SER A 19 3.04 5.59 1.61
C SER A 19 1.54 5.34 1.99
N HIS A 20 1.01 4.14 1.68
CA HIS A 20 -0.40 3.77 1.95
C HIS A 20 -0.49 2.39 2.62
N MET A 21 -1.51 2.21 3.49
CA MET A 21 -1.79 0.95 4.22
C MET A 21 -3.19 0.40 3.86
N THR A 22 -3.48 -0.84 4.32
CA THR A 22 -4.73 -1.59 4.07
C THR A 22 -4.88 -1.94 2.56
N THR A 23 -4.67 -3.22 2.22
CA THR A 23 -4.81 -3.73 0.85
C THR A 23 -6.11 -4.57 0.73
N ARG A 24 -7.13 -3.97 0.11
CA ARG A 24 -8.43 -4.59 -0.13
C ARG A 24 -8.69 -4.57 -1.64
N TYR A 25 -8.67 -5.74 -2.27
CA TYR A 25 -8.79 -5.89 -3.73
C TYR A 25 -10.18 -6.43 -4.09
N ARG A 26 -10.99 -5.63 -4.80
CA ARG A 26 -12.29 -6.07 -5.34
C ARG A 26 -12.05 -6.68 -6.73
N PHE A 27 -12.79 -7.75 -7.04
CA PHE A 27 -12.72 -8.44 -8.35
C PHE A 27 -14.12 -8.71 -8.90
N THR A 28 -14.21 -8.67 -10.23
CA THR A 28 -15.47 -8.85 -11.00
C THR A 28 -15.55 -10.27 -11.61
N ASP A 29 -14.54 -11.10 -11.31
CA ASP A 29 -14.41 -12.48 -11.83
C ASP A 29 -13.86 -13.35 -10.69
N GLU A 30 -14.29 -14.63 -10.62
CA GLU A 30 -13.89 -15.54 -9.53
C GLU A 30 -12.44 -16.01 -9.71
N GLU A 31 -12.06 -16.34 -10.95
CA GLU A 31 -10.76 -16.93 -11.26
C GLU A 31 -9.60 -15.96 -11.05
N GLU A 32 -9.83 -14.64 -11.27
CA GLU A 32 -8.82 -13.61 -11.02
C GLU A 32 -8.64 -13.36 -9.50
N ALA A 33 -9.75 -13.56 -8.75
CA ALA A 33 -9.78 -13.42 -7.29
C ALA A 33 -9.03 -14.58 -6.61
N ARG A 34 -9.29 -15.79 -7.12
CA ARG A 34 -8.68 -17.04 -6.59
C ARG A 34 -7.21 -17.14 -7.02
N ARG A 35 -6.88 -16.55 -8.19
CA ARG A 35 -5.49 -16.48 -8.70
C ARG A 35 -4.67 -15.51 -7.87
N ALA A 36 -5.28 -14.35 -7.54
CA ALA A 36 -4.66 -13.31 -6.69
C ALA A 36 -4.44 -13.85 -5.27
N ALA A 37 -5.49 -14.48 -4.72
CA ALA A 37 -5.48 -15.05 -3.36
C ALA A 37 -4.42 -16.16 -3.23
N LYS A 38 -4.38 -17.03 -4.26
CA LYS A 38 -3.43 -18.16 -4.36
C LYS A 38 -1.97 -17.66 -4.36
N GLU A 39 -1.71 -16.63 -5.17
CA GLU A 39 -0.34 -16.10 -5.38
C GLU A 39 0.11 -15.12 -4.28
N TRP A 40 -0.83 -14.47 -3.58
CA TRP A 40 -0.49 -13.67 -2.37
C TRP A 40 -0.14 -14.64 -1.23
N ALA A 41 -0.91 -15.74 -1.15
CA ALA A 41 -0.65 -16.84 -0.20
C ALA A 41 0.74 -17.46 -0.47
N ARG A 42 1.08 -17.59 -1.77
CA ARG A 42 2.39 -18.09 -2.24
C ARG A 42 3.52 -17.09 -1.87
N ARG A 43 3.20 -15.78 -1.92
CA ARG A 43 4.14 -14.68 -1.55
C ARG A 43 4.32 -14.57 -0.02
N GLY A 44 3.38 -15.15 0.76
CA GLY A 44 3.46 -15.16 2.22
C GLY A 44 2.30 -14.42 2.88
N TYR A 45 1.60 -13.58 2.09
CA TYR A 45 0.47 -12.74 2.56
C TYR A 45 -0.73 -13.62 2.99
N GLN A 46 -1.52 -13.13 3.95
CA GLN A 46 -2.76 -13.80 4.41
C GLN A 46 -3.96 -13.20 3.65
N VAL A 47 -4.78 -14.06 3.04
CA VAL A 47 -5.88 -13.64 2.14
C VAL A 47 -7.23 -14.23 2.59
N HIS A 48 -8.30 -13.41 2.42
CA HIS A 48 -9.68 -13.78 2.76
C HIS A 48 -10.63 -13.22 1.68
N VAL A 49 -11.21 -14.11 0.86
CA VAL A 49 -12.20 -13.75 -0.18
C VAL A 49 -13.59 -13.68 0.48
N THR A 50 -14.31 -12.57 0.26
CA THR A 50 -15.63 -12.32 0.86
C THR A 50 -16.52 -11.52 -0.13
N GLN A 51 -17.85 -11.68 -0.03
CA GLN A 51 -18.81 -11.10 -1.00
C GLN A 51 -19.99 -10.44 -0.25
N ASN A 52 -19.79 -9.16 0.12
CA ASN A 52 -20.82 -8.36 0.85
C ASN A 52 -22.09 -8.15 0.00
N GLY A 53 -21.88 -7.73 -1.26
CA GLY A 53 -22.97 -7.44 -2.21
C GLY A 53 -22.67 -8.00 -3.60
N THR A 54 -22.40 -9.33 -3.63
CA THR A 54 -22.13 -10.11 -4.86
C THR A 54 -20.94 -9.54 -5.69
N TYR A 55 -19.71 -9.83 -5.21
CA TYR A 55 -18.42 -9.44 -5.83
C TYR A 55 -17.27 -10.14 -5.07
N TRP A 56 -16.20 -10.50 -5.77
CA TRP A 56 -15.09 -11.28 -5.17
C TRP A 56 -14.04 -10.34 -4.57
N GLU A 57 -14.31 -9.90 -3.34
CA GLU A 57 -13.45 -8.97 -2.60
C GLU A 57 -12.44 -9.75 -1.73
N VAL A 58 -11.20 -9.84 -2.22
CA VAL A 58 -10.09 -10.50 -1.50
C VAL A 58 -9.33 -9.46 -0.66
N GLU A 59 -9.55 -9.49 0.67
CA GLU A 59 -8.78 -8.70 1.62
C GLU A 59 -7.44 -9.40 1.92
N VAL A 60 -6.35 -8.66 1.76
CA VAL A 60 -4.97 -9.15 1.90
C VAL A 60 -4.29 -8.43 3.08
N ARG A 61 -3.46 -9.17 3.82
CA ARG A 61 -2.70 -8.65 4.96
C ARG A 61 -1.26 -8.32 4.49
N MET A 1 59.15 20.99 -3.25
CA MET A 1 57.79 21.52 -3.00
C MET A 1 56.75 20.42 -3.20
N GLY A 2 55.70 20.48 -2.38
CA GLY A 2 54.58 19.52 -2.47
C GLY A 2 53.34 20.13 -3.12
N SER A 3 52.37 19.25 -3.45
CA SER A 3 51.08 19.64 -4.04
C SER A 3 50.10 18.43 -3.97
N SER A 4 50.38 17.54 -2.99
CA SER A 4 49.64 16.29 -2.79
C SER A 4 48.32 16.55 -2.02
N HIS A 5 47.27 16.90 -2.77
CA HIS A 5 45.94 17.20 -2.20
C HIS A 5 45.14 15.89 -1.96
N HIS A 6 44.46 15.85 -0.81
CA HIS A 6 43.69 14.68 -0.35
C HIS A 6 42.43 15.15 0.38
N HIS A 7 41.35 14.38 0.23
CA HIS A 7 40.06 14.59 0.92
C HIS A 7 39.51 13.23 1.42
N HIS A 8 38.39 13.29 2.14
CA HIS A 8 37.69 12.10 2.67
C HIS A 8 36.22 12.10 2.22
N HIS A 9 35.57 10.93 2.28
CA HIS A 9 34.16 10.77 1.87
C HIS A 9 33.48 9.70 2.75
N HIS A 10 32.27 10.00 3.24
CA HIS A 10 31.42 9.06 3.99
C HIS A 10 30.17 8.74 3.18
N SER A 11 29.63 7.53 3.37
CA SER A 11 28.45 7.04 2.67
C SER A 11 27.46 6.41 3.68
N SER A 12 26.40 7.15 4.03
CA SER A 12 25.35 6.67 4.95
C SER A 12 24.25 5.93 4.16
N GLY A 13 23.59 4.96 4.82
CA GLY A 13 22.48 4.21 4.22
C GLY A 13 21.12 4.77 4.61
N LEU A 14 20.07 4.40 3.85
CA LEU A 14 18.68 4.75 4.16
C LEU A 14 17.96 3.56 4.80
N VAL A 15 16.78 3.80 5.38
CA VAL A 15 16.02 2.77 6.14
C VAL A 15 15.02 2.03 5.20
N PRO A 16 14.67 0.73 5.50
CA PRO A 16 13.66 -0.04 4.72
C PRO A 16 12.25 0.55 4.87
N ARG A 17 11.48 0.58 3.76
CA ARG A 17 10.10 1.13 3.73
C ARG A 17 9.06 -0.02 3.73
N GLY A 18 7.79 0.36 3.91
CA GLY A 18 6.68 -0.59 3.96
C GLY A 18 6.22 -1.01 2.56
N SER A 19 6.09 -2.34 2.35
CA SER A 19 5.69 -2.91 1.04
C SER A 19 4.15 -2.94 0.92
N HIS A 20 3.49 -3.72 1.80
CA HIS A 20 2.01 -3.83 1.87
C HIS A 20 1.54 -3.84 3.33
N MET A 21 0.69 -2.86 3.68
CA MET A 21 -0.04 -2.82 4.97
C MET A 21 -1.53 -2.65 4.65
N THR A 22 -2.23 -3.78 4.50
CA THR A 22 -3.67 -3.84 4.15
C THR A 22 -3.92 -3.30 2.72
N THR A 23 -4.11 -4.23 1.76
CA THR A 23 -4.44 -3.88 0.37
C THR A 23 -5.75 -4.57 -0.05
N ARG A 24 -6.82 -3.76 -0.11
CA ARG A 24 -8.15 -4.20 -0.56
C ARG A 24 -8.20 -4.24 -2.10
N TYR A 25 -8.23 -5.45 -2.65
CA TYR A 25 -8.51 -5.70 -4.06
C TYR A 25 -10.01 -5.98 -4.22
N ARG A 26 -10.56 -5.69 -5.42
CA ARG A 26 -11.97 -5.96 -5.76
C ARG A 26 -12.07 -6.31 -7.25
N PHE A 27 -12.77 -7.42 -7.54
CA PHE A 27 -12.97 -7.92 -8.91
C PHE A 27 -14.42 -8.40 -9.07
N THR A 28 -14.91 -8.41 -10.31
CA THR A 28 -16.27 -8.90 -10.65
C THR A 28 -16.19 -10.41 -10.98
N ASP A 29 -15.01 -10.83 -11.44
CA ASP A 29 -14.71 -12.22 -11.76
C ASP A 29 -14.34 -13.01 -10.49
N GLU A 30 -14.65 -14.31 -10.46
CA GLU A 30 -14.09 -15.25 -9.47
C GLU A 30 -12.66 -15.62 -9.87
N GLU A 31 -12.46 -15.88 -11.17
CA GLU A 31 -11.28 -16.54 -11.74
C GLU A 31 -9.96 -15.82 -11.40
N GLU A 32 -9.84 -14.55 -11.82
CA GLU A 32 -8.60 -13.76 -11.64
C GLU A 32 -8.47 -13.25 -10.19
N ALA A 33 -9.62 -13.08 -9.51
CA ALA A 33 -9.69 -12.68 -8.09
C ALA A 33 -9.07 -13.75 -7.18
N ARG A 34 -9.46 -15.01 -7.43
CA ARG A 34 -9.01 -16.18 -6.65
C ARG A 34 -7.59 -16.58 -7.06
N ARG A 35 -7.17 -16.17 -8.28
CA ARG A 35 -5.80 -16.35 -8.78
C ARG A 35 -4.84 -15.47 -7.97
N ALA A 36 -5.21 -14.17 -7.87
CA ALA A 36 -4.47 -13.18 -7.07
C ALA A 36 -4.38 -13.65 -5.61
N ALA A 37 -5.56 -13.95 -5.03
CA ALA A 37 -5.72 -14.41 -3.63
C ALA A 37 -4.84 -15.63 -3.30
N LYS A 38 -4.76 -16.56 -4.27
CA LYS A 38 -3.98 -17.80 -4.15
C LYS A 38 -2.48 -17.49 -4.12
N GLU A 39 -2.04 -16.61 -5.04
CA GLU A 39 -0.62 -16.25 -5.18
C GLU A 39 -0.13 -15.33 -4.05
N TRP A 40 -1.03 -14.54 -3.43
CA TRP A 40 -0.68 -13.73 -2.24
C TRP A 40 -0.46 -14.69 -1.04
N ALA A 41 -1.40 -15.63 -0.87
CA ALA A 41 -1.32 -16.68 0.18
C ALA A 41 -0.10 -17.62 -0.04
N ARG A 42 0.29 -17.77 -1.32
CA ARG A 42 1.48 -18.55 -1.74
C ARG A 42 2.77 -17.89 -1.24
N ARG A 43 2.82 -16.55 -1.41
CA ARG A 43 3.95 -15.73 -0.98
C ARG A 43 3.94 -15.50 0.53
N GLY A 44 2.76 -15.67 1.17
CA GLY A 44 2.62 -15.59 2.63
C GLY A 44 1.84 -14.37 3.10
N TYR A 45 1.32 -13.57 2.15
CA TYR A 45 0.41 -12.45 2.46
C TYR A 45 -0.93 -13.00 2.95
N GLN A 46 -1.42 -12.46 4.08
CA GLN A 46 -2.71 -12.86 4.67
C GLN A 46 -3.85 -12.35 3.79
N VAL A 47 -4.63 -13.27 3.23
CA VAL A 47 -5.79 -12.97 2.35
C VAL A 47 -7.09 -13.33 3.07
N HIS A 48 -8.14 -12.60 2.73
CA HIS A 48 -9.50 -12.83 3.20
C HIS A 48 -10.47 -12.35 2.12
N VAL A 49 -11.07 -13.30 1.39
CA VAL A 49 -12.12 -12.96 0.41
C VAL A 49 -13.43 -12.80 1.18
N THR A 50 -14.13 -11.70 0.91
CA THR A 50 -15.38 -11.36 1.60
C THR A 50 -16.51 -12.26 1.06
N GLN A 51 -17.28 -12.88 1.98
CA GLN A 51 -18.41 -13.76 1.61
C GLN A 51 -19.66 -12.90 1.34
N ASN A 52 -19.69 -12.35 0.13
CA ASN A 52 -20.81 -11.54 -0.39
C ASN A 52 -20.99 -11.84 -1.88
N GLY A 53 -22.25 -11.91 -2.34
CA GLY A 53 -22.55 -12.10 -3.75
C GLY A 53 -22.70 -10.77 -4.48
N THR A 54 -21.80 -9.83 -4.18
CA THR A 54 -21.77 -8.50 -4.81
C THR A 54 -20.51 -8.38 -5.69
N TYR A 55 -19.32 -8.29 -5.04
CA TYR A 55 -18.00 -8.22 -5.72
C TYR A 55 -16.98 -9.04 -4.92
N TRP A 56 -16.10 -9.73 -5.63
CA TRP A 56 -15.08 -10.60 -5.06
C TRP A 56 -13.88 -9.75 -4.60
N GLU A 57 -14.02 -9.18 -3.40
CA GLU A 57 -13.00 -8.35 -2.77
C GLU A 57 -12.07 -9.23 -1.93
N VAL A 58 -10.77 -9.27 -2.28
CA VAL A 58 -9.77 -9.98 -1.47
C VAL A 58 -8.97 -8.97 -0.63
N GLU A 59 -9.20 -9.02 0.67
CA GLU A 59 -8.48 -8.23 1.67
C GLU A 59 -7.12 -8.88 1.92
N VAL A 60 -6.06 -8.25 1.41
CA VAL A 60 -4.67 -8.62 1.73
C VAL A 60 -4.20 -7.77 2.93
N ARG A 61 -3.30 -8.32 3.75
CA ARG A 61 -2.59 -7.59 4.80
C ARG A 61 -1.11 -7.54 4.39
#